data_9S3O
#
_entry.id   9S3O
#
_cell.length_a   1.00
_cell.length_b   1.00
_cell.length_c   1.00
_cell.angle_alpha   90.00
_cell.angle_beta   90.00
_cell.angle_gamma   90.00
#
_symmetry.space_group_name_H-M   'P 1'
#
loop_
_entity.id
_entity.type
_entity.pdbx_description
1 polymer 'Glutamate receptor 4'
2 polymer 'Glutamate receptor 2'
3 non-polymer 2-acetamido-2-deoxy-beta-D-glucopyranose
#
loop_
_entity_poly.entity_id
_entity_poly.type
_entity_poly.pdbx_seq_one_letter_code
_entity_poly.pdbx_strand_id
1 'polypeptide(L)'
;AFPSSVQIGGLFIRNTDQEYTAFRLAIFLHNTSPNASEAPFNLVPHVDNIETANSFAVTNAFCSQYSRGVFAIFGLYDKR
SVHTLTSFCSALHISLITPSFPTEGESQFVLQLRPSLRGALLSLLDHYEWNCFVFLYDTDRGYSILQAIMEKAGQNGWHV
SAICVENFNDVSYRQLLEELDRRQEKKFVIDCEIERLQNILEQIVSVGKHVKGYHYIIANLGFKDISLERFIHGGANVTG
FQLVDFNTPMVTKLMDRWKKLDQREYPGSETPPKYTSALTYDGVLVMAETFRNLRRQKIDISRRGNAGDCLANPAAPWGQ
GIDMERTLKQVQIQGLTGNVQFDHYGRRVNYTMDVFELKSTGPRKVGYWNDMDKLVLIQDVPTLGNDTAAIENRTVVVTT
IMESPYVMYKKNHEMFEGNDKYEGYCVDLASEIAKHIGIKYKIAIVPDGKYGARDADTKIWNGMVGELVYGKAEIAIAPL
TITLVREEVIDFSKPFMSLGISIMIKKPQKSKPGVFSFLDPLAYEIWMCIVFAYIGVSVVLFLVSRFSPYEWHTEEPEDG
KEGPSDQPPNEFGIFNSLWFSLGAFMQQGCDISPRSLSGRIVGGVWWFFTLIIISSYTANLAAFLTVERMVSPIESAEDL
AKQTEIAYGTLDSGSTKEFFRRSKIAVYEKMWTYMRSAEPSVFTRTTAEGVARVRKSKGKFAFLLESTMNEYIEQRKPCD
TMKVGGNLDSKGYGVATPKGSSLRTPVNLAVLKLSEAGVLDKLKNKWWYDKGECGPKDSGSKDKTSALSLSNVAGVFYIL
VGGLGLAMLVALIEFCYKSRAEAKRMKVAKSAQTFNPTSSQNTQNLATYREGYNVYGTESIKI
;
B
2 'polypeptide(L)'
;NSIQIGGLFPRGADQEYSAFRVGMVQFSTSEFRLTPHIDNLEVANSFAVTNAFCSQFSRGVYAIFGFYDKKSVNTITSFC
GTLHVSFITPSFPTDGTHPFVIQMRPDLKGALLSLIEYYQWDKFAYLYDSDRGLSTLQAVLDSAAEKKWQVTAINVGNIN
NDKKDETYRSLFQDLELKKERRVILDCERDKVNDIVDQVITIGKHVKGYHYIIANLGFTDGDLLKIQFGGANVSGFQIVD
YDDSLVSKFIERWSTLEEKEYPGAHTTTIKYTSALTYDAVQVMTEAFRNLRKQRIEISRRGNAGDCLANPAVPWGQGVEI
ERALKQVQVEGLSGNIKFDQNGKRINYTINIMELKTNGPRKIGYWSEVDKMVVTLTELPSGNDTSGLENKTVVVTTILES
PYVMMKKNHEMLEGNERYEGYCVDLAAEIAKHCGFKYKLTIVGDGKYGARDADTKIWNGMVGELVYGKADIAIAPLTITL
VREEVIDFSKPFMSLGISIMIKKPQKSKPGVFSFLDPLAYEIWMCIVFAYIGVSVVLFLVSRFSPYEWHTEEFEDGRETQ
SSESTNEFGIFNSLWFSLGAFMQQGCDISPRSLSGRIVGGVWWFFTLIIISSYTANLAAFLTVERMVSPIESAEDLSKQT
EIAYGTLDSGSTKEFFRRSKIAVFDKMWTYMRSAEPSVFVRTTAEGVARVRKSKGKYAYLLESTMNEYIEQRKPCDTMKV
GGNLDSKGYGIATPKGSSLRWEKTSALSLSNVAGVFYILVGGLGLAMLVALIEFCYKSRAEAKRMKVAKNAQNINPSSSQ
NSQNFATYKEGYNVYGIESVKI
;
D
#
loop_
_chem_comp.id
_chem_comp.type
_chem_comp.name
_chem_comp.formula
NAG D-saccharide, beta linking 2-acetamido-2-deoxy-beta-D-glucopyranose 'C8 H15 N O6'
#
# COMPACT_ATOMS: atom_id res chain seq x y z
N SER A 5 37.81 -22.32 26.72
CA SER A 5 37.12 -21.31 25.92
C SER A 5 37.89 -21.01 24.64
N VAL A 6 37.16 -20.93 23.52
CA VAL A 6 37.73 -20.63 22.22
C VAL A 6 37.21 -19.27 21.77
N GLN A 7 38.13 -18.38 21.39
CA GLN A 7 37.77 -17.02 21.03
C GLN A 7 37.52 -16.90 19.54
N ILE A 8 36.39 -16.28 19.19
CA ILE A 8 36.01 -16.01 17.81
C ILE A 8 35.66 -14.54 17.67
N GLY A 9 35.84 -14.02 16.47
CA GLY A 9 35.60 -12.61 16.17
C GLY A 9 34.39 -12.44 15.29
N GLY A 10 33.63 -11.38 15.54
CA GLY A 10 32.45 -11.09 14.75
C GLY A 10 32.45 -9.68 14.19
N LEU A 11 32.32 -9.53 12.88
CA LEU A 11 32.30 -8.24 12.22
C LEU A 11 31.02 -8.11 11.40
N PHE A 12 30.26 -7.06 11.65
CA PHE A 12 29.01 -6.82 10.94
C PHE A 12 28.92 -5.34 10.58
N ILE A 13 28.09 -5.05 9.57
CA ILE A 13 27.92 -3.70 9.07
C ILE A 13 26.45 -3.31 9.20
N ARG A 14 26.10 -2.12 8.73
CA ARG A 14 24.71 -1.66 8.80
C ARG A 14 23.82 -2.49 7.88
N ASN A 15 22.51 -2.29 8.05
CA ASN A 15 21.45 -2.95 7.27
C ASN A 15 21.66 -4.45 7.11
N THR A 16 22.28 -5.08 8.11
CA THR A 16 22.42 -6.53 8.18
C THR A 16 22.06 -7.01 9.59
N ASP A 17 20.95 -6.50 10.12
CA ASP A 17 20.53 -6.87 11.47
C ASP A 17 20.20 -8.36 11.56
N GLN A 18 19.57 -8.92 10.53
CA GLN A 18 19.23 -10.34 10.57
C GLN A 18 20.49 -11.21 10.54
N GLU A 19 21.58 -10.73 9.94
CA GLU A 19 22.84 -11.47 9.97
C GLU A 19 23.32 -11.62 11.41
N TYR A 20 23.33 -10.51 12.16
CA TYR A 20 23.75 -10.55 13.56
C TYR A 20 22.79 -11.38 14.40
N THR A 21 21.48 -11.29 14.11
CA THR A 21 20.50 -12.09 14.82
C THR A 21 20.76 -13.59 14.62
N ALA A 22 21.02 -13.99 13.37
CA ALA A 22 21.31 -15.39 13.09
C ALA A 22 22.61 -15.83 13.74
N PHE A 23 23.62 -14.97 13.74
CA PHE A 23 24.89 -15.30 14.39
C PHE A 23 24.70 -15.53 15.88
N ARG A 24 23.96 -14.63 16.55
CA ARG A 24 23.71 -14.78 17.97
C ARG A 24 22.89 -16.03 18.25
N LEU A 25 21.90 -16.31 17.39
CA LEU A 25 21.13 -17.55 17.51
C LEU A 25 22.03 -18.77 17.45
N ALA A 26 22.90 -18.83 16.45
CA ALA A 26 23.78 -19.98 16.28
C ALA A 26 24.68 -20.15 17.48
N ILE A 27 25.29 -19.04 17.93
CA ILE A 27 26.19 -19.11 19.09
C ILE A 27 25.44 -19.59 20.32
N PHE A 28 24.28 -18.99 20.61
CA PHE A 28 23.50 -19.35 21.78
C PHE A 28 23.14 -20.83 21.76
N LEU A 29 22.56 -21.31 20.65
CA LEU A 29 22.05 -22.68 20.64
C LEU A 29 23.20 -23.69 20.57
N HIS A 30 24.33 -23.32 19.97
CA HIS A 30 25.45 -24.25 19.94
C HIS A 30 26.10 -24.39 21.30
N ASN A 31 26.23 -23.28 22.04
CA ASN A 31 26.87 -23.36 23.35
C ASN A 31 25.94 -23.95 24.40
N THR A 32 24.65 -23.67 24.29
CA THR A 32 23.68 -24.22 25.25
C THR A 32 23.05 -25.49 24.70
N PHE A 41 33.69 -26.39 25.21
CA PHE A 41 34.28 -25.44 24.26
C PHE A 41 33.30 -24.33 23.92
N ASN A 42 32.95 -23.52 24.92
CA ASN A 42 32.03 -22.41 24.69
C ASN A 42 32.72 -21.29 23.93
N LEU A 43 32.13 -20.89 22.81
CA LEU A 43 32.71 -19.85 21.99
C LEU A 43 32.60 -18.49 22.68
N VAL A 44 33.57 -17.62 22.39
CA VAL A 44 33.62 -16.29 22.97
C VAL A 44 33.51 -15.25 21.86
N PRO A 45 32.31 -14.74 21.57
CA PRO A 45 32.17 -13.74 20.52
C PRO A 45 32.88 -12.44 20.89
N HIS A 46 33.38 -11.76 19.85
CA HIS A 46 34.01 -10.45 19.97
C HIS A 46 33.41 -9.48 18.97
N VAL A 47 32.08 -9.43 18.91
CA VAL A 47 31.39 -8.65 17.89
C VAL A 47 31.66 -7.15 18.10
N ASP A 48 31.93 -6.45 16.99
CA ASP A 48 32.12 -5.01 16.97
C ASP A 48 31.40 -4.45 15.73
N ASN A 49 30.14 -4.07 15.93
CA ASN A 49 29.32 -3.58 14.82
C ASN A 49 29.83 -2.21 14.37
N ILE A 50 29.85 -2.01 13.05
CA ILE A 50 30.29 -0.75 12.45
C ILE A 50 29.17 -0.24 11.54
N GLU A 51 28.97 1.08 11.56
CA GLU A 51 27.89 1.70 10.80
C GLU A 51 28.23 1.79 9.31
N THR A 52 29.32 2.47 8.98
CA THR A 52 29.72 2.68 7.60
C THR A 52 30.81 1.68 7.22
N ALA A 53 30.62 1.00 6.09
CA ALA A 53 31.55 -0.03 5.62
C ALA A 53 32.62 0.61 4.74
N ASN A 54 33.50 1.38 5.38
CA ASN A 54 34.65 1.98 4.74
C ASN A 54 35.93 1.32 5.22
N SER A 55 37.01 1.54 4.46
CA SER A 55 38.25 0.80 4.71
C SER A 55 38.83 1.12 6.08
N PHE A 56 38.80 2.39 6.48
CA PHE A 56 39.48 2.80 7.71
C PHE A 56 38.86 2.16 8.94
N ALA A 57 37.53 2.23 9.06
CA ALA A 57 36.86 1.67 10.23
C ALA A 57 36.99 0.16 10.27
N VAL A 58 36.88 -0.50 9.11
CA VAL A 58 37.05 -1.95 9.06
C VAL A 58 38.46 -2.34 9.49
N THR A 59 39.47 -1.59 9.01
CA THR A 59 40.84 -1.88 9.41
C THR A 59 41.04 -1.70 10.91
N ASN A 60 40.47 -0.63 11.47
CA ASN A 60 40.60 -0.39 12.91
C ASN A 60 39.92 -1.48 13.72
N ALA A 61 38.73 -1.90 13.30
CA ALA A 61 38.02 -2.97 14.00
C ALA A 61 38.78 -4.28 13.92
N PHE A 62 39.34 -4.59 12.75
CA PHE A 62 40.14 -5.80 12.61
C PHE A 62 41.37 -5.74 13.49
N CYS A 63 42.01 -4.57 13.57
CA CYS A 63 43.18 -4.42 14.44
C CYS A 63 42.81 -4.65 15.90
N SER A 64 41.67 -4.10 16.33
CA SER A 64 41.23 -4.32 17.71
C SER A 64 40.95 -5.80 17.97
N GLN A 65 40.24 -6.46 17.05
CA GLN A 65 39.92 -7.87 17.23
C GLN A 65 41.19 -8.72 17.27
N TYR A 66 42.16 -8.41 16.41
CA TYR A 66 43.42 -9.16 16.41
C TYR A 66 44.21 -8.92 17.68
N SER A 67 44.24 -7.67 18.15
CA SER A 67 45.00 -7.34 19.36
C SER A 67 44.40 -8.04 20.58
N ARG A 68 43.07 -8.12 20.65
CA ARG A 68 42.46 -8.87 21.75
C ARG A 68 42.75 -10.36 21.65
N GLY A 69 43.06 -10.87 20.46
CA GLY A 69 43.38 -12.28 20.30
C GLY A 69 42.22 -13.08 19.75
N VAL A 70 42.29 -13.44 18.47
CA VAL A 70 41.21 -14.15 17.79
C VAL A 70 41.82 -15.26 16.93
N PHE A 71 41.14 -16.40 16.88
CA PHE A 71 41.56 -17.52 16.05
C PHE A 71 40.83 -17.58 14.71
N ALA A 72 39.64 -17.00 14.62
CA ALA A 72 38.86 -16.98 13.38
C ALA A 72 37.83 -15.87 13.47
N ILE A 73 37.66 -15.15 12.37
CA ILE A 73 36.76 -14.00 12.30
C ILE A 73 35.69 -14.27 11.27
N PHE A 74 34.44 -14.13 11.66
CA PHE A 74 33.29 -14.18 10.76
C PHE A 74 32.85 -12.73 10.52
N GLY A 75 33.04 -12.26 9.29
CA GLY A 75 32.77 -10.88 8.97
C GLY A 75 32.06 -10.73 7.63
N LEU A 76 31.52 -9.54 7.42
CA LEU A 76 30.83 -9.18 6.19
C LEU A 76 31.52 -7.97 5.56
N TYR A 77 31.57 -7.95 4.23
CA TYR A 77 32.24 -6.90 3.50
C TYR A 77 31.44 -6.54 2.26
N ASP A 78 31.82 -5.42 1.64
CA ASP A 78 31.20 -4.93 0.42
C ASP A 78 32.29 -4.72 -0.63
N LYS A 79 31.93 -4.05 -1.72
CA LYS A 79 32.87 -3.84 -2.84
C LYS A 79 34.10 -3.07 -2.39
N ARG A 80 33.90 -2.03 -1.58
CA ARG A 80 35.00 -1.12 -1.25
C ARG A 80 36.00 -1.79 -0.30
N SER A 81 35.51 -2.45 0.74
CA SER A 81 36.37 -2.92 1.83
C SER A 81 36.75 -4.40 1.72
N VAL A 82 36.46 -5.04 0.58
CA VAL A 82 36.83 -6.44 0.43
C VAL A 82 38.33 -6.61 0.31
N HIS A 83 39.00 -5.74 -0.45
CA HIS A 83 40.42 -5.92 -0.73
C HIS A 83 41.25 -5.81 0.53
N THR A 84 40.97 -4.78 1.35
CA THR A 84 41.74 -4.60 2.58
C THR A 84 41.55 -5.76 3.53
N LEU A 85 40.31 -6.19 3.73
CA LEU A 85 40.04 -7.29 4.65
C LEU A 85 40.74 -8.56 4.19
N THR A 86 40.61 -8.90 2.90
CA THR A 86 41.28 -10.10 2.39
C THR A 86 42.79 -9.99 2.52
N SER A 87 43.35 -8.80 2.26
CA SER A 87 44.79 -8.61 2.34
C SER A 87 45.30 -8.83 3.75
N PHE A 88 44.67 -8.19 4.74
CA PHE A 88 45.11 -8.38 6.12
C PHE A 88 44.90 -9.82 6.59
N CYS A 89 43.77 -10.44 6.21
CA CYS A 89 43.54 -11.83 6.61
C CYS A 89 44.59 -12.77 6.03
N SER A 90 44.97 -12.55 4.77
CA SER A 90 46.02 -13.37 4.17
C SER A 90 47.38 -13.08 4.79
N ALA A 91 47.65 -11.82 5.16
CA ALA A 91 48.96 -11.47 5.67
C ALA A 91 49.18 -11.97 7.09
N LEU A 92 48.16 -11.87 7.94
CA LEU A 92 48.31 -12.22 9.35
C LEU A 92 47.97 -13.67 9.66
N HIS A 93 47.70 -14.48 8.64
CA HIS A 93 47.40 -15.91 8.81
C HIS A 93 46.22 -16.13 9.75
N ILE A 94 45.20 -15.30 9.61
CA ILE A 94 43.97 -15.41 10.39
C ILE A 94 42.84 -15.78 9.44
N SER A 95 42.21 -16.93 9.69
CA SER A 95 41.15 -17.41 8.81
C SER A 95 39.92 -16.52 8.92
N LEU A 96 39.32 -16.22 7.77
CA LEU A 96 38.13 -15.39 7.70
C LEU A 96 37.05 -16.13 6.94
N ILE A 97 35.94 -16.43 7.63
CA ILE A 97 34.79 -17.10 7.05
C ILE A 97 33.73 -16.05 6.79
N THR A 98 33.32 -15.91 5.53
CA THR A 98 32.40 -14.86 5.14
C THR A 98 31.27 -15.39 4.26
N PRO A 99 30.05 -14.86 4.41
CA PRO A 99 28.95 -15.21 3.52
C PRO A 99 28.73 -14.25 2.36
N SER A 100 29.62 -13.28 2.14
CA SER A 100 29.43 -12.24 1.14
C SER A 100 29.66 -12.81 -0.26
N PHE A 101 29.66 -11.92 -1.25
CA PHE A 101 29.78 -12.36 -2.64
C PHE A 101 31.16 -12.97 -2.89
N PRO A 102 31.25 -14.03 -3.68
CA PRO A 102 32.55 -14.64 -3.96
C PRO A 102 33.43 -13.72 -4.79
N THR A 103 34.74 -13.87 -4.60
CA THR A 103 35.74 -13.13 -5.35
C THR A 103 36.23 -13.99 -6.52
N GLU A 104 37.28 -13.51 -7.19
CA GLU A 104 37.87 -14.24 -8.31
C GLU A 104 39.39 -14.26 -8.15
N GLY A 105 40.00 -15.28 -8.73
CA GLY A 105 41.43 -15.45 -8.63
C GLY A 105 41.85 -16.21 -7.40
N GLU A 106 43.17 -16.37 -7.25
CA GLU A 106 43.72 -17.10 -6.12
C GLU A 106 43.52 -16.32 -4.83
N SER A 107 43.01 -16.99 -3.80
CA SER A 107 42.79 -16.39 -2.50
C SER A 107 43.13 -17.41 -1.42
N GLN A 108 43.75 -16.94 -0.34
CA GLN A 108 44.19 -17.79 0.75
C GLN A 108 43.67 -17.25 2.07
N PHE A 109 43.44 -18.15 3.02
CA PHE A 109 42.93 -17.86 4.36
C PHE A 109 41.52 -17.25 4.34
N VAL A 110 40.81 -17.34 3.21
CA VAL A 110 39.47 -16.80 3.09
C VAL A 110 38.54 -17.93 2.67
N LEU A 111 37.47 -18.12 3.44
CA LEU A 111 36.45 -19.12 3.15
C LEU A 111 35.16 -18.38 2.79
N GLN A 112 34.57 -18.76 1.67
CA GLN A 112 33.36 -18.12 1.16
C GLN A 112 32.25 -19.16 1.10
N LEU A 113 31.10 -18.82 1.69
CA LEU A 113 29.98 -19.75 1.78
C LEU A 113 28.94 -19.54 0.69
N ARG A 114 28.85 -18.35 0.12
CA ARG A 114 27.84 -18.10 -0.90
C ARG A 114 28.27 -18.70 -2.23
N PRO A 115 27.47 -19.58 -2.83
CA PRO A 115 27.83 -20.15 -4.13
C PRO A 115 27.69 -19.14 -5.24
N SER A 116 28.44 -19.36 -6.32
CA SER A 116 28.39 -18.50 -7.49
C SER A 116 27.17 -18.83 -8.34
N LEU A 117 26.48 -17.78 -8.80
CA LEU A 117 25.26 -17.91 -9.58
C LEU A 117 25.51 -17.84 -11.09
N ARG A 118 26.78 -17.74 -11.51
CA ARG A 118 27.10 -17.59 -12.93
C ARG A 118 26.64 -18.81 -13.73
N GLY A 119 27.02 -20.00 -13.29
CA GLY A 119 26.74 -21.19 -14.07
C GLY A 119 25.25 -21.47 -14.22
N ALA A 120 24.51 -21.35 -13.12
CA ALA A 120 23.07 -21.59 -13.16
C ALA A 120 22.36 -20.59 -14.05
N LEU A 121 22.73 -19.31 -13.96
CA LEU A 121 22.11 -18.28 -14.79
C LEU A 121 22.40 -18.54 -16.26
N LEU A 122 23.66 -18.86 -16.58
CA LEU A 122 24.02 -19.16 -17.96
C LEU A 122 23.24 -20.36 -18.49
N SER A 123 23.12 -21.40 -17.66
CA SER A 123 22.36 -22.59 -18.07
C SER A 123 20.90 -22.27 -18.30
N LEU A 124 20.32 -21.42 -17.44
CA LEU A 124 18.91 -21.05 -17.60
C LEU A 124 18.67 -20.26 -18.88
N LEU A 125 19.52 -19.25 -19.14
CA LEU A 125 19.37 -18.51 -20.40
C LEU A 125 19.67 -19.37 -21.62
N ASP A 126 20.53 -20.38 -21.47
CA ASP A 126 20.71 -21.34 -22.56
C ASP A 126 19.46 -22.18 -22.77
N HIS A 127 18.80 -22.58 -21.68
CA HIS A 127 17.61 -23.42 -21.78
C HIS A 127 16.47 -22.68 -22.46
N TYR A 128 16.19 -21.45 -22.04
CA TYR A 128 15.11 -20.73 -22.71
C TYR A 128 15.49 -20.23 -24.10
N GLU A 129 16.77 -20.29 -24.48
CA GLU A 129 17.21 -19.99 -25.85
C GLU A 129 16.78 -18.58 -26.27
N TRP A 130 17.38 -17.60 -25.61
CA TRP A 130 17.09 -16.19 -25.89
C TRP A 130 18.21 -15.57 -26.71
N ASN A 131 17.82 -14.61 -27.57
CA ASN A 131 18.78 -13.92 -28.42
C ASN A 131 18.75 -12.41 -28.26
N CYS A 132 17.81 -11.86 -27.50
CA CYS A 132 17.75 -10.42 -27.26
C CYS A 132 16.99 -10.19 -25.96
N PHE A 133 17.58 -9.44 -25.04
CA PHE A 133 16.96 -9.16 -23.75
C PHE A 133 17.66 -7.95 -23.14
N VAL A 134 17.10 -7.49 -22.02
CA VAL A 134 17.64 -6.36 -21.26
C VAL A 134 18.15 -6.88 -19.93
N PHE A 135 19.32 -6.36 -19.51
CA PHE A 135 19.97 -6.78 -18.28
C PHE A 135 20.08 -5.58 -17.34
N LEU A 136 19.37 -5.63 -16.22
CA LEU A 136 19.45 -4.62 -15.18
C LEU A 136 20.37 -5.13 -14.08
N TYR A 137 21.35 -4.30 -13.70
CA TYR A 137 22.39 -4.73 -12.78
C TYR A 137 22.84 -3.55 -11.93
N ASP A 138 23.56 -3.88 -10.85
CA ASP A 138 24.24 -2.89 -10.03
C ASP A 138 25.59 -3.45 -9.61
N THR A 139 26.50 -2.54 -9.25
CA THR A 139 27.89 -2.88 -8.96
C THR A 139 28.14 -3.13 -7.48
N ASP A 140 27.10 -3.46 -6.71
CA ASP A 140 27.27 -3.70 -5.29
C ASP A 140 27.91 -5.05 -4.98
N ARG A 141 28.04 -5.93 -5.96
CA ARG A 141 28.63 -7.25 -5.77
C ARG A 141 29.63 -7.56 -6.86
N GLY A 142 30.43 -6.57 -7.25
CA GLY A 142 31.45 -6.78 -8.26
C GLY A 142 30.91 -6.75 -9.67
N TYR A 143 31.80 -7.07 -10.61
CA TYR A 143 31.49 -7.05 -12.04
C TYR A 143 31.51 -8.44 -12.65
N SER A 144 31.49 -9.50 -11.82
CA SER A 144 31.64 -10.86 -12.35
C SER A 144 30.47 -11.24 -13.24
N ILE A 145 29.24 -10.99 -12.77
CA ILE A 145 28.06 -11.39 -13.53
C ILE A 145 27.97 -10.62 -14.85
N LEU A 146 28.22 -9.31 -14.81
CA LEU A 146 28.15 -8.52 -16.03
C LEU A 146 29.21 -8.96 -17.03
N GLN A 147 30.44 -9.20 -16.56
CA GLN A 147 31.50 -9.65 -17.47
C GLN A 147 31.17 -11.01 -18.07
N ALA A 148 30.65 -11.93 -17.25
CA ALA A 148 30.27 -13.24 -17.78
C ALA A 148 29.17 -13.13 -18.82
N ILE A 149 28.16 -12.29 -18.56
CA ILE A 149 27.06 -12.13 -19.51
C ILE A 149 27.57 -11.52 -20.80
N MET A 150 28.44 -10.50 -20.71
CA MET A 150 28.98 -9.89 -21.91
C MET A 150 29.83 -10.88 -22.71
N GLU A 151 30.65 -11.68 -22.03
CA GLU A 151 31.47 -12.66 -22.72
C GLU A 151 30.59 -13.70 -23.43
N LYS A 152 29.55 -14.19 -22.75
CA LYS A 152 28.68 -15.17 -23.37
C LYS A 152 27.93 -14.58 -24.56
N ALA A 153 27.47 -13.33 -24.43
CA ALA A 153 26.78 -12.67 -25.53
C ALA A 153 27.70 -12.47 -26.73
N GLY A 154 28.96 -12.10 -26.46
CA GLY A 154 29.92 -11.97 -27.56
C GLY A 154 30.22 -13.29 -28.23
N GLN A 155 30.35 -14.36 -27.44
CA GLN A 155 30.63 -15.67 -28.02
C GLN A 155 29.46 -16.18 -28.84
N ASN A 156 28.23 -16.02 -28.35
CA ASN A 156 27.05 -16.58 -29.00
C ASN A 156 26.30 -15.58 -29.87
N GLY A 157 26.83 -14.37 -30.05
CA GLY A 157 26.19 -13.38 -30.90
C GLY A 157 24.82 -12.94 -30.44
N TRP A 158 24.69 -12.64 -29.15
CA TRP A 158 23.42 -12.20 -28.58
C TRP A 158 23.31 -10.68 -28.69
N HIS A 159 22.24 -10.12 -28.12
CA HIS A 159 21.99 -8.68 -28.16
C HIS A 159 21.47 -8.27 -26.78
N VAL A 160 22.37 -7.78 -25.93
CA VAL A 160 22.05 -7.41 -24.56
C VAL A 160 22.25 -5.92 -24.39
N SER A 161 21.31 -5.28 -23.68
CA SER A 161 21.37 -3.85 -23.39
C SER A 161 21.47 -3.68 -21.88
N ALA A 162 22.69 -3.67 -21.36
CA ALA A 162 22.91 -3.55 -19.93
C ALA A 162 22.77 -2.09 -19.49
N ILE A 163 21.96 -1.87 -18.47
CA ILE A 163 21.70 -0.54 -17.93
C ILE A 163 21.97 -0.56 -16.43
N CYS A 164 22.73 0.43 -15.96
CA CYS A 164 23.02 0.58 -14.53
C CYS A 164 21.92 1.41 -13.88
N VAL A 165 21.38 0.91 -12.76
CA VAL A 165 20.27 1.55 -12.09
C VAL A 165 20.66 1.90 -10.66
N GLU A 166 21.95 2.15 -10.44
CA GLU A 166 22.44 2.44 -9.09
C GLU A 166 21.91 3.77 -8.57
N ASN A 167 21.87 4.79 -9.43
CA ASN A 167 21.51 6.14 -9.04
C ASN A 167 20.20 6.61 -9.69
N PHE A 168 19.21 5.73 -9.72
CA PHE A 168 17.93 6.03 -10.36
C PHE A 168 16.86 6.28 -9.31
N ASN A 169 16.00 7.27 -9.58
CA ASN A 169 14.85 7.57 -8.75
C ASN A 169 13.57 7.16 -9.49
N ASP A 170 12.42 7.40 -8.87
CA ASP A 170 11.16 6.90 -9.40
C ASP A 170 10.87 7.44 -10.80
N VAL A 171 11.09 8.75 -11.00
CA VAL A 171 10.84 9.35 -12.31
C VAL A 171 11.76 8.74 -13.35
N SER A 172 13.05 8.59 -13.03
CA SER A 172 14.00 7.98 -13.95
C SER A 172 13.61 6.54 -14.25
N TYR A 173 13.18 5.80 -13.23
CA TYR A 173 12.78 4.41 -13.43
C TYR A 173 11.59 4.32 -14.38
N ARG A 174 10.57 5.14 -14.16
CA ARG A 174 9.38 5.08 -15.02
C ARG A 174 9.70 5.50 -16.44
N GLN A 175 10.52 6.55 -16.61
CA GLN A 175 10.86 7.00 -17.96
C GLN A 175 11.70 5.95 -18.68
N LEU A 176 12.66 5.33 -17.98
CA LEU A 176 13.46 4.26 -18.58
C LEU A 176 12.58 3.09 -18.97
N LEU A 177 11.62 2.73 -18.11
CA LEU A 177 10.70 1.64 -18.43
C LEU A 177 9.86 1.97 -19.65
N GLU A 178 9.38 3.21 -19.76
CA GLU A 178 8.58 3.61 -20.92
C GLU A 178 9.42 3.57 -22.19
N GLU A 179 10.67 4.04 -22.09
CA GLU A 179 11.56 4.04 -23.25
C GLU A 179 11.87 2.62 -23.71
N LEU A 180 12.11 1.71 -22.75
CA LEU A 180 12.31 0.31 -23.12
C LEU A 180 11.02 -0.33 -23.62
N ASP A 181 9.87 0.21 -23.20
CA ASP A 181 8.59 -0.25 -23.74
C ASP A 181 8.45 0.14 -25.20
N ARG A 182 8.93 1.34 -25.57
CA ARG A 182 8.87 1.78 -26.95
C ARG A 182 9.56 0.79 -27.88
N ARG A 183 10.75 0.33 -27.49
CA ARG A 183 11.40 -0.78 -28.20
C ARG A 183 10.74 -2.09 -27.81
N GLN A 184 10.87 -3.10 -28.67
CA GLN A 184 10.34 -4.42 -28.33
C GLN A 184 11.43 -5.26 -27.67
N GLU A 185 11.35 -5.38 -26.34
CA GLU A 185 12.31 -6.19 -25.61
C GLU A 185 11.64 -7.42 -24.99
N LYS A 186 10.60 -7.18 -24.18
CA LYS A 186 9.70 -8.16 -23.61
C LYS A 186 10.39 -9.16 -22.68
N LYS A 187 11.69 -9.03 -22.43
CA LYS A 187 12.45 -9.99 -21.63
C LYS A 187 13.48 -9.25 -20.80
N PHE A 188 13.37 -9.36 -19.48
CA PHE A 188 14.24 -8.65 -18.55
C PHE A 188 14.96 -9.65 -17.65
N VAL A 189 16.19 -9.32 -17.29
CA VAL A 189 16.99 -10.09 -16.35
C VAL A 189 17.49 -9.13 -15.27
N ILE A 190 17.01 -9.29 -14.05
CA ILE A 190 17.30 -8.37 -12.96
C ILE A 190 18.32 -9.00 -12.03
N ASP A 191 19.33 -8.22 -11.64
CA ASP A 191 20.34 -8.68 -10.68
C ASP A 191 20.75 -7.48 -9.84
N CYS A 192 20.13 -7.31 -8.69
CA CYS A 192 20.41 -6.19 -7.80
C CYS A 192 20.26 -6.66 -6.35
N GLU A 193 20.30 -5.71 -5.42
CA GLU A 193 20.13 -6.03 -4.02
C GLU A 193 18.66 -6.30 -3.71
N ILE A 194 18.39 -6.63 -2.44
CA ILE A 194 17.01 -6.94 -2.03
C ILE A 194 16.13 -5.70 -2.12
N GLU A 195 16.60 -4.57 -1.56
CA GLU A 195 15.81 -3.35 -1.60
C GLU A 195 15.64 -2.84 -3.03
N ARG A 196 16.72 -2.91 -3.82
CA ARG A 196 16.62 -2.48 -5.22
C ARG A 196 15.66 -3.35 -6.01
N LEU A 197 15.71 -4.67 -5.78
CA LEU A 197 14.77 -5.58 -6.45
C LEU A 197 13.33 -5.28 -6.03
N GLN A 198 13.12 -5.00 -4.74
CA GLN A 198 11.78 -4.65 -4.28
C GLN A 198 11.28 -3.37 -4.94
N ASN A 199 12.15 -2.36 -5.06
CA ASN A 199 11.76 -1.13 -5.74
C ASN A 199 11.43 -1.38 -7.20
N ILE A 200 12.24 -2.20 -7.88
CA ILE A 200 11.98 -2.53 -9.27
C ILE A 200 10.63 -3.23 -9.41
N LEU A 201 10.34 -4.15 -8.50
CA LEU A 201 9.10 -4.90 -8.59
C LEU A 201 7.88 -4.07 -8.23
N GLU A 202 8.04 -3.07 -7.36
CA GLU A 202 6.93 -2.21 -7.01
C GLU A 202 6.72 -1.06 -8.01
N GLN A 203 7.71 -0.75 -8.85
CA GLN A 203 7.48 0.21 -9.92
C GLN A 203 7.23 -0.42 -11.28
N ILE A 204 7.46 -1.72 -11.45
CA ILE A 204 7.06 -2.39 -12.67
C ILE A 204 5.56 -2.66 -12.70
N VAL A 205 4.91 -2.70 -11.54
CA VAL A 205 3.47 -2.94 -11.48
C VAL A 205 2.70 -1.66 -11.83
N SER A 206 3.18 -0.50 -11.38
CA SER A 206 2.48 0.74 -11.61
C SER A 206 2.37 1.06 -13.09
N VAL A 207 3.45 0.83 -13.84
CA VAL A 207 3.43 1.03 -15.28
C VAL A 207 2.44 0.09 -15.95
N GLY A 208 2.24 -1.10 -15.37
CA GLY A 208 1.30 -2.06 -15.94
C GLY A 208 1.96 -3.12 -16.81
N LYS A 209 3.02 -3.73 -16.29
CA LYS A 209 3.75 -4.76 -17.04
C LYS A 209 3.71 -6.11 -16.33
N HIS A 210 2.90 -6.26 -15.29
CA HIS A 210 2.69 -7.54 -14.63
C HIS A 210 1.55 -8.30 -15.31
N VAL A 211 1.69 -8.43 -16.64
CA VAL A 211 0.69 -9.05 -17.48
C VAL A 211 1.38 -10.09 -18.35
N LYS A 212 0.61 -11.06 -18.85
CA LYS A 212 1.16 -12.12 -19.67
C LYS A 212 1.84 -11.55 -20.91
N GLY A 213 3.02 -12.07 -21.20
CA GLY A 213 3.80 -11.61 -22.34
C GLY A 213 5.25 -11.34 -22.00
N TYR A 214 5.54 -11.13 -20.72
CA TYR A 214 6.89 -10.85 -20.25
C TYR A 214 7.38 -12.01 -19.39
N HIS A 215 8.72 -12.17 -19.38
CA HIS A 215 9.37 -13.27 -18.65
C HIS A 215 10.58 -12.70 -17.91
N TYR A 216 10.39 -12.37 -16.64
CA TYR A 216 11.48 -11.87 -15.82
C TYR A 216 12.27 -13.01 -15.20
N ILE A 217 13.56 -12.77 -14.98
CA ILE A 217 14.45 -13.74 -14.34
C ILE A 217 15.10 -13.11 -13.13
N ILE A 218 14.60 -13.46 -11.94
CA ILE A 218 15.18 -12.94 -10.71
C ILE A 218 16.46 -13.71 -10.41
N ALA A 219 17.58 -13.00 -10.42
CA ALA A 219 18.90 -13.62 -10.27
C ALA A 219 19.40 -13.40 -8.85
N ASN A 220 18.94 -14.27 -7.95
CA ASN A 220 19.41 -14.29 -6.57
C ASN A 220 19.05 -15.64 -5.96
N LEU A 221 19.25 -15.77 -4.65
CA LEU A 221 18.94 -16.99 -3.92
C LEU A 221 17.74 -16.82 -3.00
N GLY A 222 16.94 -15.77 -3.23
CA GLY A 222 15.84 -15.45 -2.35
C GLY A 222 14.49 -15.36 -3.05
N PHE A 223 14.24 -16.28 -3.98
CA PHE A 223 13.01 -16.23 -4.77
C PHE A 223 11.77 -16.30 -3.87
N LYS A 224 11.77 -17.18 -2.87
CA LYS A 224 10.66 -17.26 -1.95
C LYS A 224 10.73 -16.21 -0.84
N ASP A 225 11.83 -15.47 -0.73
CA ASP A 225 11.97 -14.44 0.29
C ASP A 225 11.30 -13.12 -0.10
N ILE A 226 10.77 -13.02 -1.33
CA ILE A 226 10.13 -11.81 -1.79
C ILE A 226 8.66 -12.11 -2.07
N SER A 227 7.85 -11.05 -2.07
CA SER A 227 6.41 -11.15 -2.25
C SER A 227 6.08 -10.97 -3.73
N LEU A 228 5.59 -12.03 -4.36
CA LEU A 228 5.22 -12.03 -5.77
C LEU A 228 3.75 -12.30 -6.00
N GLU A 229 2.89 -12.04 -5.01
CA GLU A 229 1.46 -12.34 -5.14
C GLU A 229 0.84 -11.54 -6.27
N ARG A 230 1.26 -10.28 -6.42
CA ARG A 230 0.76 -9.44 -7.50
C ARG A 230 1.11 -10.04 -8.86
N PHE A 231 2.33 -10.57 -8.99
CA PHE A 231 2.71 -11.25 -10.22
C PHE A 231 1.97 -12.56 -10.40
N ILE A 232 1.65 -13.25 -9.30
CA ILE A 232 0.87 -14.49 -9.38
C ILE A 232 -0.50 -14.21 -9.96
N HIS A 233 -1.17 -13.17 -9.46
CA HIS A 233 -2.48 -12.80 -10.00
C HIS A 233 -2.35 -12.24 -11.42
N GLY A 234 -1.27 -11.53 -11.70
CA GLY A 234 -1.10 -10.98 -13.04
C GLY A 234 -0.90 -12.06 -14.09
N GLY A 235 -0.10 -13.08 -13.78
CA GLY A 235 0.16 -14.17 -14.67
C GLY A 235 1.47 -14.08 -15.45
N ALA A 236 2.21 -12.98 -15.29
CA ALA A 236 3.47 -12.81 -15.98
C ALA A 236 4.48 -13.87 -15.54
N ASN A 237 5.20 -14.43 -16.52
CA ASN A 237 6.14 -15.51 -16.23
C ASN A 237 7.34 -14.98 -15.45
N VAL A 238 7.66 -15.66 -14.35
CA VAL A 238 8.81 -15.32 -13.51
C VAL A 238 9.54 -16.61 -13.15
N THR A 239 10.86 -16.58 -13.24
CA THR A 239 11.68 -17.73 -12.91
C THR A 239 12.79 -17.31 -11.97
N GLY A 240 13.03 -18.09 -10.91
CA GLY A 240 14.05 -17.77 -9.94
C GLY A 240 14.71 -19.04 -9.42
N PHE A 241 15.64 -18.83 -8.47
CA PHE A 241 16.41 -19.92 -7.87
C PHE A 241 16.17 -19.96 -6.37
N GLN A 242 16.29 -21.15 -5.81
CA GLN A 242 16.17 -21.36 -4.37
C GLN A 242 17.30 -22.28 -3.90
N LEU A 243 17.89 -21.95 -2.76
CA LEU A 243 18.97 -22.75 -2.18
C LEU A 243 18.56 -23.43 -0.88
N VAL A 244 17.73 -22.78 -0.07
CA VAL A 244 17.30 -23.34 1.22
C VAL A 244 16.12 -24.27 0.99
N ASP A 245 16.20 -25.47 1.55
CA ASP A 245 15.16 -26.48 1.42
C ASP A 245 14.29 -26.45 2.67
N PHE A 246 12.97 -26.33 2.47
CA PHE A 246 12.05 -26.12 3.58
C PHE A 246 11.39 -27.38 4.12
N ASN A 247 11.38 -28.47 3.34
CA ASN A 247 10.73 -29.70 3.80
C ASN A 247 11.65 -30.58 4.63
N THR A 248 12.91 -30.20 4.79
CA THR A 248 13.83 -30.95 5.64
C THR A 248 13.40 -30.81 7.09
N PRO A 249 13.38 -31.89 7.88
CA PRO A 249 13.02 -31.76 9.29
C PRO A 249 14.02 -30.96 10.11
N MET A 250 15.25 -30.81 9.64
CA MET A 250 16.24 -30.02 10.37
C MET A 250 15.84 -28.55 10.43
N VAL A 251 15.45 -27.98 9.29
CA VAL A 251 15.07 -26.58 9.26
C VAL A 251 13.78 -26.35 10.03
N THR A 252 12.85 -27.31 9.98
CA THR A 252 11.63 -27.18 10.77
C THR A 252 11.92 -27.22 12.26
N LYS A 253 12.82 -28.11 12.69
CA LYS A 253 13.23 -28.15 14.09
C LYS A 253 13.85 -26.82 14.51
N LEU A 254 14.80 -26.32 13.72
CA LEU A 254 15.47 -25.07 14.08
C LEU A 254 14.49 -23.90 14.12
N MET A 255 13.56 -23.86 13.16
CA MET A 255 12.62 -22.75 13.09
C MET A 255 11.60 -22.80 14.22
N ASP A 256 11.16 -24.01 14.58
CA ASP A 256 10.27 -24.15 15.73
C ASP A 256 10.95 -23.73 17.02
N ARG A 257 12.21 -24.14 17.20
CA ARG A 257 12.95 -23.69 18.38
C ARG A 257 13.14 -22.17 18.35
N TRP A 258 13.36 -21.59 17.17
CA TRP A 258 13.37 -20.14 17.05
C TRP A 258 12.06 -19.53 17.53
N LYS A 259 10.93 -20.15 17.18
CA LYS A 259 9.65 -19.68 17.71
C LYS A 259 9.63 -19.76 19.24
N LYS A 260 10.22 -20.81 19.81
CA LYS A 260 10.17 -20.97 21.26
C LYS A 260 11.01 -19.93 22.01
N LEU A 261 11.89 -19.19 21.35
CA LEU A 261 12.57 -18.09 22.00
C LEU A 261 11.77 -16.79 21.89
N ASP A 262 12.18 -15.80 22.69
CA ASP A 262 11.50 -14.52 22.73
C ASP A 262 11.78 -13.69 21.47
N GLN A 263 10.85 -12.81 21.14
CA GLN A 263 11.00 -11.93 19.99
C GLN A 263 11.67 -10.61 20.32
N ARG A 264 11.93 -10.33 21.60
CA ARG A 264 12.59 -9.08 21.96
C ARG A 264 14.08 -9.10 21.66
N GLU A 265 14.66 -10.27 21.45
CA GLU A 265 16.09 -10.41 21.17
C GLU A 265 16.39 -11.08 19.85
N TYR A 266 15.53 -11.96 19.35
CA TYR A 266 15.74 -12.67 18.09
C TYR A 266 14.53 -12.47 17.19
N PRO A 267 14.43 -11.32 16.54
CA PRO A 267 13.33 -11.08 15.61
C PRO A 267 13.44 -11.95 14.37
N GLY A 268 12.30 -12.14 13.71
CA GLY A 268 12.25 -12.95 12.50
C GLY A 268 11.86 -14.40 12.72
N SER A 269 11.30 -14.73 13.88
CA SER A 269 10.87 -16.09 14.18
C SER A 269 9.50 -16.42 13.63
N GLU A 270 9.02 -15.68 12.63
CA GLU A 270 7.70 -15.92 12.05
C GLU A 270 7.77 -16.20 10.55
N THR A 271 8.97 -16.20 9.98
CA THR A 271 9.13 -16.40 8.54
C THR A 271 10.24 -17.42 8.34
N PRO A 272 10.24 -18.15 7.23
CA PRO A 272 11.36 -19.03 6.91
C PRO A 272 12.62 -18.22 6.67
N PRO A 273 13.79 -18.77 6.98
CA PRO A 273 15.02 -17.97 6.89
C PRO A 273 15.41 -17.69 5.45
N LYS A 274 16.01 -16.52 5.24
CA LYS A 274 16.50 -16.13 3.93
C LYS A 274 17.81 -16.85 3.65
N TYR A 275 18.40 -16.56 2.47
CA TYR A 275 19.64 -17.22 2.09
C TYR A 275 20.79 -16.82 3.01
N THR A 276 20.85 -15.55 3.43
CA THR A 276 21.98 -15.08 4.21
C THR A 276 21.97 -15.67 5.62
N SER A 277 20.79 -15.83 6.22
CA SER A 277 20.70 -16.42 7.55
C SER A 277 21.16 -17.88 7.53
N ALA A 278 20.72 -18.63 6.52
CA ALA A 278 21.17 -20.01 6.36
C ALA A 278 22.67 -20.07 6.12
N LEU A 279 23.20 -19.13 5.32
CA LEU A 279 24.64 -19.10 5.08
C LEU A 279 25.43 -18.84 6.36
N THR A 280 24.98 -17.89 7.18
CA THR A 280 25.67 -17.61 8.44
C THR A 280 25.58 -18.80 9.39
N TYR A 281 24.41 -19.45 9.47
CA TYR A 281 24.28 -20.62 10.32
C TYR A 281 25.20 -21.75 9.86
N ASP A 282 25.28 -21.97 8.54
CA ASP A 282 26.17 -22.99 8.01
C ASP A 282 27.63 -22.66 8.27
N GLY A 283 27.99 -21.38 8.15
CA GLY A 283 29.35 -20.99 8.47
C GLY A 283 29.71 -21.22 9.93
N VAL A 284 28.77 -20.91 10.84
CA VAL A 284 29.01 -21.18 12.25
C VAL A 284 29.17 -22.67 12.50
N LEU A 285 28.32 -23.49 11.88
CA LEU A 285 28.44 -24.94 12.03
C LEU A 285 29.77 -25.45 11.50
N VAL A 286 30.19 -24.94 10.35
CA VAL A 286 31.48 -25.34 9.75
C VAL A 286 32.63 -24.96 10.67
N MET A 287 32.58 -23.76 11.24
CA MET A 287 33.64 -23.31 12.13
C MET A 287 33.70 -24.16 13.40
N ALA A 288 32.54 -24.50 13.96
CA ALA A 288 32.51 -25.39 15.12
C ALA A 288 33.05 -26.78 14.78
N GLU A 289 32.70 -27.31 13.60
CA GLU A 289 33.25 -28.57 13.15
C GLU A 289 34.77 -28.48 13.03
N THR A 290 35.26 -27.34 12.52
CA THR A 290 36.70 -27.15 12.36
C THR A 290 37.40 -27.18 13.72
N PHE A 291 36.84 -26.49 14.71
CA PHE A 291 37.44 -26.53 16.04
C PHE A 291 37.41 -27.93 16.63
N ARG A 292 36.28 -28.63 16.50
CA ARG A 292 36.18 -29.97 17.09
C ARG A 292 37.16 -30.93 16.42
N ASN A 293 37.33 -30.81 15.09
CA ASN A 293 38.31 -31.64 14.40
C ASN A 293 39.73 -31.28 14.84
N LEU A 294 40.01 -29.98 15.00
CA LEU A 294 41.34 -29.56 15.43
C LEU A 294 41.64 -30.04 16.85
N ARG A 295 40.61 -30.29 17.65
CA ARG A 295 40.83 -30.85 18.98
C ARG A 295 41.58 -32.18 18.91
N ARG A 296 41.21 -33.03 17.95
CA ARG A 296 41.91 -34.30 17.74
C ARG A 296 43.12 -34.11 16.84
N GLU A 325 44.18 -23.84 8.60
CA GLU A 325 43.74 -23.57 7.23
C GLU A 325 43.49 -24.87 6.48
N ARG A 326 44.46 -25.78 6.54
CA ARG A 326 44.33 -27.07 5.84
C ARG A 326 43.18 -27.88 6.42
N THR A 327 43.03 -27.91 7.74
CA THR A 327 41.92 -28.62 8.36
C THR A 327 40.60 -27.92 8.08
N LEU A 328 40.61 -26.59 7.97
CA LEU A 328 39.38 -25.85 7.72
C LEU A 328 38.75 -26.22 6.37
N LYS A 329 39.58 -26.38 5.35
CA LYS A 329 39.08 -26.66 4.00
C LYS A 329 38.66 -28.11 3.80
N GLN A 330 38.96 -28.99 4.75
CA GLN A 330 38.61 -30.40 4.63
C GLN A 330 37.21 -30.72 5.15
N VAL A 331 36.51 -29.71 5.70
CA VAL A 331 35.21 -29.96 6.29
C VAL A 331 34.20 -30.39 5.23
N GLN A 332 33.34 -31.33 5.61
CA GLN A 332 32.24 -31.79 4.76
C GLN A 332 31.04 -31.99 5.67
N ILE A 333 30.04 -31.11 5.57
CA ILE A 333 28.93 -31.11 6.51
C ILE A 333 27.61 -31.01 5.74
N GLN A 334 26.52 -31.27 6.47
CA GLN A 334 25.17 -31.15 5.92
C GLN A 334 24.47 -29.97 6.61
N GLY A 335 24.46 -28.82 5.94
CA GLY A 335 23.83 -27.63 6.47
C GLY A 335 22.48 -27.36 5.83
N LEU A 336 21.90 -26.22 6.23
CA LEU A 336 20.57 -25.86 5.74
C LEU A 336 20.56 -25.71 4.23
N THR A 337 21.67 -25.29 3.64
CA THR A 337 21.79 -25.13 2.19
C THR A 337 22.30 -26.39 1.50
N GLY A 338 22.24 -27.54 2.18
CA GLY A 338 22.64 -28.80 1.57
C GLY A 338 24.03 -29.25 1.94
N ASN A 339 24.74 -29.85 0.99
CA ASN A 339 26.09 -30.33 1.25
C ASN A 339 27.07 -29.16 1.22
N VAL A 340 27.91 -29.08 2.24
CA VAL A 340 28.91 -28.03 2.36
C VAL A 340 30.28 -28.69 2.28
N GLN A 341 31.03 -28.32 1.25
CA GLN A 341 32.36 -28.85 0.98
C GLN A 341 33.12 -27.82 0.15
N PHE A 342 34.42 -27.69 0.40
CA PHE A 342 35.23 -26.68 -0.24
C PHE A 342 36.44 -27.30 -0.92
N ASP A 343 36.91 -26.65 -1.99
CA ASP A 343 38.10 -27.06 -2.70
C ASP A 343 39.32 -26.36 -2.10
N HIS A 344 40.46 -26.44 -2.79
CA HIS A 344 41.69 -25.83 -2.29
C HIS A 344 41.65 -24.31 -2.33
N TYR A 345 40.70 -23.71 -3.04
CA TYR A 345 40.57 -22.26 -3.10
C TYR A 345 39.43 -21.71 -2.26
N GLY A 346 38.72 -22.55 -1.52
CA GLY A 346 37.68 -22.10 -0.64
C GLY A 346 36.33 -21.86 -1.28
N ARG A 347 36.16 -22.20 -2.56
CA ARG A 347 34.88 -22.05 -3.23
C ARG A 347 34.02 -23.29 -3.04
N ARG A 348 32.71 -23.11 -3.23
CA ARG A 348 31.75 -24.18 -3.00
C ARG A 348 31.79 -25.22 -4.11
N VAL A 349 31.66 -26.49 -3.72
CA VAL A 349 31.54 -27.60 -4.65
C VAL A 349 30.43 -28.53 -4.17
N ASN A 350 29.91 -29.32 -5.09
CA ASN A 350 28.90 -30.34 -4.79
C ASN A 350 27.66 -29.72 -4.13
N TYR A 351 27.19 -28.61 -4.70
CA TYR A 351 26.02 -27.90 -4.17
C TYR A 351 24.86 -27.98 -5.15
N THR A 352 23.65 -28.18 -4.61
CA THR A 352 22.44 -28.35 -5.40
C THR A 352 21.58 -27.12 -5.22
N MET A 353 20.99 -26.62 -6.32
CA MET A 353 20.08 -25.48 -6.19
C MET A 353 18.86 -25.65 -7.07
N ASP A 354 17.68 -25.49 -6.47
CA ASP A 354 16.42 -25.71 -7.17
C ASP A 354 16.04 -24.48 -7.98
N VAL A 355 15.27 -24.71 -9.05
CA VAL A 355 14.80 -23.64 -9.92
C VAL A 355 13.27 -23.63 -9.84
N PHE A 356 12.70 -22.46 -9.57
CA PHE A 356 11.27 -22.31 -9.38
C PHE A 356 10.68 -21.40 -10.45
N GLU A 357 9.44 -21.71 -10.83
CA GLU A 357 8.67 -20.89 -11.77
C GLU A 357 7.40 -20.43 -11.08
N LEU A 358 6.94 -19.23 -11.46
CA LEU A 358 5.75 -18.65 -10.86
C LEU A 358 4.52 -19.07 -11.66
N LYS A 359 3.61 -19.79 -11.01
CA LYS A 359 2.39 -20.29 -11.63
C LYS A 359 1.18 -19.58 -11.02
N SER A 360 -0.01 -20.01 -11.46
CA SER A 360 -1.24 -19.43 -10.93
C SER A 360 -1.46 -19.79 -9.46
N THR A 361 -1.06 -20.99 -9.05
CA THR A 361 -1.22 -21.43 -7.68
C THR A 361 -0.02 -21.10 -6.80
N GLY A 362 1.00 -20.44 -7.35
CA GLY A 362 2.19 -20.11 -6.59
C GLY A 362 3.44 -20.68 -7.21
N PRO A 363 4.57 -20.57 -6.52
CA PRO A 363 5.81 -21.16 -7.03
C PRO A 363 5.69 -22.67 -7.20
N ARG A 364 6.31 -23.17 -8.27
CA ARG A 364 6.29 -24.60 -8.59
C ARG A 364 7.66 -25.00 -9.09
N LYS A 365 8.29 -25.96 -8.41
CA LYS A 365 9.62 -26.41 -8.80
C LYS A 365 9.56 -27.12 -10.15
N VAL A 366 10.53 -26.80 -11.01
CA VAL A 366 10.60 -27.37 -12.35
C VAL A 366 11.92 -28.10 -12.60
N GLY A 367 12.84 -28.08 -11.66
CA GLY A 367 14.10 -28.77 -11.84
C GLY A 367 15.15 -28.24 -10.87
N TYR A 368 16.37 -28.72 -11.07
CA TYR A 368 17.48 -28.34 -10.20
C TYR A 368 18.78 -28.33 -10.96
N TRP A 369 19.71 -27.50 -10.49
CA TRP A 369 21.00 -27.29 -11.13
C TRP A 369 22.10 -27.80 -10.22
N ASN A 370 23.06 -28.50 -10.83
CA ASN A 370 24.21 -29.08 -10.18
C ASN A 370 25.44 -28.85 -11.04
N ASP A 371 26.61 -28.83 -10.40
CA ASP A 371 27.85 -28.61 -11.13
C ASP A 371 28.24 -29.80 -11.99
N MET A 372 28.00 -31.03 -11.51
CA MET A 372 28.43 -32.22 -12.24
C MET A 372 27.42 -32.67 -13.28
N ASP A 373 26.12 -32.43 -13.05
CA ASP A 373 25.08 -32.87 -13.97
C ASP A 373 24.42 -31.71 -14.69
N LYS A 374 24.93 -30.49 -14.52
CA LYS A 374 24.46 -29.29 -15.25
C LYS A 374 23.00 -29.06 -14.83
N LEU A 375 22.09 -28.83 -15.76
CA LEU A 375 20.69 -28.62 -15.41
C LEU A 375 19.91 -29.91 -15.58
N VAL A 376 19.05 -30.21 -14.60
CA VAL A 376 18.20 -31.40 -14.63
C VAL A 376 16.76 -30.94 -14.51
N LEU A 377 15.91 -31.41 -15.42
CA LEU A 377 14.51 -31.01 -15.48
C LEU A 377 13.62 -32.18 -15.05
N ILE A 378 12.45 -31.83 -14.52
CA ILE A 378 11.49 -32.82 -14.06
C ILE A 378 10.49 -33.15 -15.17
N ILE B 3 -29.11 28.41 24.88
CA ILE B 3 -29.11 27.68 23.62
C ILE B 3 -28.42 26.33 23.79
N GLN B 4 -29.10 25.26 23.38
CA GLN B 4 -28.53 23.92 23.41
C GLN B 4 -28.79 23.22 22.09
N ILE B 5 -27.77 22.53 21.58
CA ILE B 5 -27.82 21.89 20.28
C ILE B 5 -27.15 20.52 20.38
N GLY B 6 -27.94 19.46 20.27
CA GLY B 6 -27.48 18.11 20.50
C GLY B 6 -26.74 17.50 19.32
N GLY B 7 -26.61 16.17 19.36
CA GLY B 7 -25.90 15.45 18.32
C GLY B 7 -26.10 13.94 18.39
N LEU B 8 -26.17 13.29 17.22
CA LEU B 8 -26.38 11.84 17.13
C LEU B 8 -25.31 11.26 16.20
N PHE B 9 -24.06 11.64 16.46
CA PHE B 9 -22.95 11.24 15.61
C PHE B 9 -22.75 9.73 15.68
N PRO B 10 -22.35 9.10 14.57
CA PRO B 10 -22.26 7.64 14.52
C PRO B 10 -20.93 7.09 15.00
N ARG B 11 -20.95 5.80 15.34
CA ARG B 11 -19.73 5.09 15.72
C ARG B 11 -18.86 4.84 14.49
N GLY B 12 -17.55 4.75 14.72
CA GLY B 12 -16.60 4.57 13.65
C GLY B 12 -16.24 5.83 12.91
N ALA B 13 -16.77 6.98 13.33
CA ALA B 13 -16.49 8.27 12.69
C ALA B 13 -15.87 9.19 13.72
N ASP B 14 -14.64 9.65 13.46
CA ASP B 14 -13.93 10.49 14.40
C ASP B 14 -13.50 11.80 13.75
N GLN B 15 -13.22 11.76 12.45
CA GLN B 15 -12.83 12.97 11.73
C GLN B 15 -13.97 13.98 11.72
N GLU B 16 -15.20 13.50 11.56
CA GLU B 16 -16.37 14.39 11.54
C GLU B 16 -16.53 15.10 12.88
N TYR B 17 -16.35 14.38 14.00
CA TYR B 17 -16.53 15.01 15.30
C TYR B 17 -15.38 15.94 15.63
N SER B 18 -14.17 15.62 15.16
CA SER B 18 -13.05 16.55 15.26
C SER B 18 -13.33 17.83 14.48
N ALA B 19 -13.87 17.69 13.27
CA ALA B 19 -14.27 18.87 12.51
C ALA B 19 -15.35 19.65 13.24
N PHE B 20 -16.25 18.94 13.93
CA PHE B 20 -17.31 19.60 14.68
C PHE B 20 -16.74 20.43 15.83
N ARG B 21 -15.80 19.88 16.59
CA ARG B 21 -15.22 20.65 17.68
C ARG B 21 -14.38 21.80 17.15
N VAL B 22 -13.71 21.60 16.01
CA VAL B 22 -12.95 22.69 15.40
C VAL B 22 -13.89 23.81 14.95
N GLY B 23 -15.05 23.45 14.43
CA GLY B 23 -16.04 24.47 14.09
C GLY B 23 -16.59 25.18 15.31
N MET B 24 -16.74 24.43 16.41
CA MET B 24 -17.13 25.04 17.69
C MET B 24 -16.10 26.10 18.11
N VAL B 25 -14.82 25.77 18.02
CA VAL B 25 -13.78 26.67 18.46
C VAL B 25 -13.66 27.87 17.53
N GLN B 26 -13.69 27.63 16.21
CA GLN B 26 -13.41 28.68 15.24
C GLN B 26 -14.46 29.78 15.27
N PHE B 27 -15.74 29.42 15.29
CA PHE B 27 -16.81 30.41 15.25
C PHE B 27 -17.13 30.85 16.69
N SER B 28 -16.25 31.71 17.20
CA SER B 28 -16.38 32.19 18.56
C SER B 28 -17.60 33.10 18.69
N THR B 29 -18.36 32.91 19.76
CA THR B 29 -19.61 33.62 20.03
C THR B 29 -19.66 34.00 21.50
N SER B 30 -19.33 35.27 21.79
CA SER B 30 -19.39 35.76 23.16
C SER B 30 -20.84 36.07 23.56
N GLU B 31 -21.67 36.49 22.61
CA GLU B 31 -23.03 36.88 22.93
C GLU B 31 -23.85 35.70 23.43
N PHE B 32 -23.69 34.53 22.80
CA PHE B 32 -24.42 33.33 23.19
C PHE B 32 -23.51 32.14 22.95
N ARG B 33 -23.72 31.07 23.72
CA ARG B 33 -22.96 29.83 23.54
C ARG B 33 -23.89 28.63 23.63
N LEU B 34 -23.73 27.69 22.71
CA LEU B 34 -24.56 26.49 22.66
C LEU B 34 -23.92 25.38 23.48
N THR B 35 -24.67 24.31 23.69
CA THR B 35 -24.22 23.15 24.45
C THR B 35 -24.25 21.92 23.55
N PRO B 36 -23.10 21.28 23.31
CA PRO B 36 -23.09 20.14 22.38
C PRO B 36 -23.90 18.95 22.84
N HIS B 37 -23.62 18.40 24.02
CA HIS B 37 -24.26 17.19 24.52
C HIS B 37 -24.31 16.10 23.44
N ILE B 38 -23.12 15.67 23.01
CA ILE B 38 -23.01 14.75 21.89
C ILE B 38 -23.22 13.32 22.34
N ASP B 39 -23.89 12.52 21.50
CA ASP B 39 -24.07 11.10 21.75
C ASP B 39 -23.27 10.30 20.73
N ASN B 40 -23.38 8.97 20.79
CA ASN B 40 -22.66 8.11 19.86
C ASN B 40 -23.33 6.74 19.84
N LEU B 41 -23.69 6.28 18.64
CA LEU B 41 -24.36 5.00 18.48
C LEU B 41 -24.32 4.59 17.01
N GLU B 42 -24.80 3.39 16.75
CA GLU B 42 -24.85 2.84 15.39
C GLU B 42 -26.13 3.31 14.70
N VAL B 43 -25.97 4.10 13.63
CA VAL B 43 -27.13 4.63 12.92
C VAL B 43 -27.94 3.53 12.24
N ALA B 44 -27.34 2.36 12.04
CA ALA B 44 -28.03 1.27 11.37
C ALA B 44 -29.05 0.56 12.25
N ASN B 45 -29.08 0.85 13.54
CA ASN B 45 -30.01 0.24 14.49
C ASN B 45 -31.06 1.28 14.87
N SER B 46 -32.33 0.99 14.58
CA SER B 46 -33.38 1.97 14.77
C SER B 46 -33.69 2.20 16.25
N PHE B 47 -33.59 1.15 17.08
CA PHE B 47 -33.95 1.29 18.49
C PHE B 47 -33.05 2.28 19.22
N ALA B 48 -31.74 2.20 18.99
CA ALA B 48 -30.82 3.15 19.61
C ALA B 48 -31.09 4.56 19.12
N VAL B 49 -31.40 4.70 17.83
CA VAL B 49 -31.69 6.03 17.27
C VAL B 49 -32.92 6.63 17.94
N THR B 50 -33.99 5.84 18.08
CA THR B 50 -35.20 6.35 18.71
C THR B 50 -34.93 6.71 20.18
N ASN B 51 -34.19 5.86 20.89
CA ASN B 51 -33.89 6.15 22.29
C ASN B 51 -33.09 7.43 22.43
N ALA B 52 -32.07 7.62 21.60
CA ALA B 52 -31.26 8.84 21.66
C ALA B 52 -32.08 10.07 21.30
N PHE B 53 -32.92 9.96 20.28
CA PHE B 53 -33.76 11.09 19.89
C PHE B 53 -34.70 11.47 21.03
N CYS B 54 -35.30 10.48 21.69
CA CYS B 54 -36.19 10.76 22.81
C CYS B 54 -35.42 11.40 23.96
N SER B 55 -34.21 10.92 24.24
CA SER B 55 -33.40 11.48 25.32
C SER B 55 -33.04 12.93 25.03
N GLN B 56 -32.69 13.25 23.78
CA GLN B 56 -32.41 14.64 23.42
C GLN B 56 -33.67 15.49 23.52
N PHE B 57 -34.81 14.96 23.09
CA PHE B 57 -36.05 15.73 23.16
C PHE B 57 -36.53 15.94 24.58
N SER B 58 -36.11 15.10 25.52
CA SER B 58 -36.58 15.20 26.90
C SER B 58 -35.91 16.32 27.68
N ARG B 59 -34.87 16.96 27.14
CA ARG B 59 -34.20 18.08 27.81
C ARG B 59 -34.29 19.37 27.00
N GLY B 60 -35.31 19.49 26.15
CA GLY B 60 -35.58 20.73 25.44
C GLY B 60 -34.51 21.19 24.48
N VAL B 61 -33.90 20.29 23.72
CA VAL B 61 -32.91 20.69 22.72
C VAL B 61 -33.62 21.44 21.60
N TYR B 62 -33.01 22.55 21.16
CA TYR B 62 -33.64 23.38 20.12
C TYR B 62 -33.44 22.77 18.74
N ALA B 63 -32.29 22.18 18.47
CA ALA B 63 -32.01 21.59 17.17
C ALA B 63 -31.04 20.43 17.35
N ILE B 64 -31.23 19.40 16.52
CA ILE B 64 -30.40 18.21 16.56
C ILE B 64 -29.62 18.11 15.25
N PHE B 65 -28.43 17.52 15.33
CA PHE B 65 -27.52 17.43 14.20
C PHE B 65 -26.81 16.09 14.24
N GLY B 66 -27.07 15.24 13.25
CA GLY B 66 -26.52 13.91 13.24
C GLY B 66 -26.59 13.28 11.86
N PHE B 67 -26.18 12.02 11.79
CA PHE B 67 -26.13 11.26 10.56
C PHE B 67 -27.20 10.17 10.57
N TYR B 68 -27.39 9.54 9.41
CA TYR B 68 -28.28 8.38 9.29
C TYR B 68 -27.89 7.60 8.04
N ASP B 69 -28.63 6.53 7.77
CA ASP B 69 -28.39 5.69 6.60
C ASP B 69 -29.74 5.33 6.00
N LYS B 70 -29.73 4.37 5.06
CA LYS B 70 -30.95 4.03 4.34
C LYS B 70 -31.99 3.37 5.25
N LYS B 71 -31.55 2.69 6.30
CA LYS B 71 -32.43 1.94 7.18
C LYS B 71 -32.92 2.74 8.37
N SER B 72 -32.58 4.03 8.45
CA SER B 72 -32.97 4.83 9.60
C SER B 72 -33.49 6.22 9.24
N VAL B 73 -33.50 6.60 7.96
CA VAL B 73 -33.93 7.94 7.59
C VAL B 73 -35.42 8.13 7.83
N ASN B 74 -36.21 7.08 7.57
CA ASN B 74 -37.66 7.21 7.72
C ASN B 74 -38.06 7.48 9.17
N THR B 75 -37.39 6.82 10.11
CA THR B 75 -37.70 7.03 11.53
C THR B 75 -37.42 8.47 11.93
N ILE B 76 -36.26 8.99 11.54
CA ILE B 76 -35.90 10.37 11.88
C ILE B 76 -36.90 11.34 11.25
N THR B 77 -37.24 11.11 9.99
CA THR B 77 -38.19 11.99 9.30
C THR B 77 -39.54 11.99 10.00
N SER B 78 -40.03 10.79 10.37
CA SER B 78 -41.33 10.69 11.01
C SER B 78 -41.33 11.37 12.37
N PHE B 79 -40.28 11.15 13.16
CA PHE B 79 -40.22 11.78 14.48
C PHE B 79 -40.11 13.29 14.39
N CYS B 80 -39.32 13.80 13.43
CA CYS B 80 -39.16 15.25 13.31
C CYS B 80 -40.41 15.91 12.74
N GLY B 81 -41.18 15.18 11.91
CA GLY B 81 -42.38 15.76 11.35
C GLY B 81 -43.45 16.04 12.40
N THR B 82 -43.66 15.09 13.31
CA THR B 82 -44.68 15.23 14.34
C THR B 82 -44.28 16.21 15.44
N LEU B 83 -42.99 16.36 15.73
CA LEU B 83 -42.53 17.18 16.83
C LEU B 83 -42.02 18.56 16.42
N HIS B 84 -41.94 18.85 15.11
CA HIS B 84 -41.50 20.14 14.57
C HIS B 84 -40.05 20.45 14.91
N VAL B 85 -39.25 19.48 15.32
CA VAL B 85 -37.85 19.72 15.66
C VAL B 85 -37.02 19.55 14.40
N SER B 86 -36.31 20.62 14.02
CA SER B 86 -35.47 20.56 12.84
C SER B 86 -34.27 19.65 13.07
N PHE B 87 -33.89 18.91 12.02
CA PHE B 87 -32.75 17.98 12.07
C PHE B 87 -31.84 18.29 10.88
N ILE B 88 -30.71 18.93 11.17
CA ILE B 88 -29.74 19.22 10.12
C ILE B 88 -28.88 17.99 9.88
N THR B 89 -28.73 17.62 8.60
CA THR B 89 -27.99 16.41 8.28
C THR B 89 -27.16 16.59 7.01
N PRO B 90 -25.87 16.22 7.05
CA PRO B 90 -25.07 16.22 5.82
C PRO B 90 -25.13 14.90 5.09
N SER B 91 -26.11 14.06 5.45
CA SER B 91 -26.26 12.75 4.83
C SER B 91 -26.81 12.88 3.41
N PHE B 92 -27.08 11.75 2.79
CA PHE B 92 -27.53 11.75 1.40
C PHE B 92 -28.88 12.45 1.28
N PRO B 93 -29.12 13.21 0.20
CA PRO B 93 -30.42 13.82 0.01
C PRO B 93 -31.55 12.80 -0.05
N THR B 94 -32.62 13.04 0.71
CA THR B 94 -33.78 12.16 0.63
C THR B 94 -34.60 12.48 -0.62
N ASP B 95 -35.40 11.49 -1.04
CA ASP B 95 -36.26 11.63 -2.19
C ASP B 95 -37.69 11.90 -1.72
N GLY B 96 -38.28 12.96 -2.23
CA GLY B 96 -39.59 13.42 -1.79
C GLY B 96 -39.48 14.55 -0.79
N THR B 97 -40.56 15.33 -0.69
CA THR B 97 -40.59 16.51 0.17
C THR B 97 -40.81 16.04 1.62
N HIS B 98 -39.69 15.92 2.34
CA HIS B 98 -39.74 15.63 3.77
C HIS B 98 -39.43 16.90 4.54
N PRO B 99 -40.43 17.53 5.15
CA PRO B 99 -40.22 18.81 5.81
C PRO B 99 -39.36 18.67 7.06
N PHE B 100 -38.80 19.81 7.48
CA PHE B 100 -38.10 19.95 8.75
C PHE B 100 -36.81 19.13 8.79
N VAL B 101 -36.29 18.79 7.60
CA VAL B 101 -35.01 18.09 7.50
C VAL B 101 -34.08 18.91 6.61
N ILE B 102 -33.26 19.77 7.22
CA ILE B 102 -32.34 20.59 6.45
C ILE B 102 -31.21 19.72 5.94
N GLN B 103 -31.00 19.73 4.64
CA GLN B 103 -30.05 18.86 3.96
C GLN B 103 -28.91 19.70 3.39
N MET B 104 -27.68 19.24 3.64
CA MET B 104 -26.49 20.04 3.32
C MET B 104 -25.52 19.28 2.43
N ARG B 105 -26.03 18.41 1.55
CA ARG B 105 -25.20 17.73 0.56
C ARG B 105 -25.80 17.96 -0.82
N PRO B 106 -25.02 18.39 -1.80
CA PRO B 106 -25.54 18.48 -3.18
C PRO B 106 -25.86 17.11 -3.74
N ASP B 107 -26.62 17.07 -4.83
CA ASP B 107 -27.11 15.82 -5.40
C ASP B 107 -26.16 15.42 -6.52
N LEU B 108 -25.63 14.20 -6.44
CA LEU B 108 -24.77 13.68 -7.50
C LEU B 108 -25.54 13.53 -8.81
N LYS B 109 -26.80 13.10 -8.71
CA LYS B 109 -27.67 12.94 -9.87
C LYS B 109 -27.79 14.25 -10.64
N GLY B 110 -27.77 14.14 -11.97
CA GLY B 110 -27.74 15.28 -12.85
C GLY B 110 -26.36 15.64 -13.35
N ALA B 111 -25.33 15.48 -12.51
CA ALA B 111 -23.95 15.68 -12.92
C ALA B 111 -23.33 14.44 -13.56
N LEU B 112 -23.61 13.26 -13.02
CA LEU B 112 -23.19 12.02 -13.65
C LEU B 112 -23.91 11.79 -14.98
N LEU B 113 -25.08 12.39 -15.18
CA LEU B 113 -25.80 12.32 -16.44
C LEU B 113 -25.46 13.47 -17.38
N SER B 114 -24.60 14.40 -16.96
CA SER B 114 -24.14 15.48 -17.81
C SER B 114 -22.67 15.33 -18.18
N LEU B 115 -21.95 14.44 -17.51
CA LEU B 115 -20.61 14.04 -17.91
C LEU B 115 -20.63 12.77 -18.76
N ILE B 116 -21.65 11.93 -18.61
CA ILE B 116 -21.82 10.74 -19.43
C ILE B 116 -22.32 11.08 -20.83
N GLU B 117 -22.73 12.33 -21.07
CA GLU B 117 -23.13 12.80 -22.38
C GLU B 117 -22.12 13.76 -23.01
N TYR B 118 -21.38 14.52 -22.19
CA TYR B 118 -20.26 15.30 -22.72
C TYR B 118 -19.22 14.36 -23.32
N TYR B 119 -19.02 13.20 -22.70
CA TYR B 119 -18.34 12.08 -23.33
C TYR B 119 -19.39 11.23 -24.03
N GLN B 120 -19.44 11.29 -25.36
CA GLN B 120 -20.47 10.57 -26.10
C GLN B 120 -20.28 9.06 -25.98
N TRP B 121 -21.18 8.42 -25.24
CA TRP B 121 -21.03 7.02 -24.90
C TRP B 121 -22.30 6.24 -25.21
N ASP B 122 -22.18 4.92 -25.14
CA ASP B 122 -23.28 3.96 -25.20
C ASP B 122 -22.75 2.61 -24.77
N LYS B 123 -23.65 1.76 -24.27
CA LYS B 123 -23.31 0.42 -23.80
C LYS B 123 -22.23 0.47 -22.71
N PHE B 124 -22.54 1.16 -21.62
CA PHE B 124 -21.59 1.30 -20.52
C PHE B 124 -21.85 0.24 -19.45
N ALA B 125 -21.01 0.25 -18.42
CA ALA B 125 -21.13 -0.67 -17.29
C ALA B 125 -21.29 0.14 -16.01
N TYR B 126 -22.04 -0.39 -15.07
CA TYR B 126 -22.41 0.33 -13.84
C TYR B 126 -22.34 -0.65 -12.68
N LEU B 127 -21.55 -0.30 -11.66
CA LEU B 127 -21.36 -1.15 -10.49
C LEU B 127 -21.93 -0.42 -9.27
N TYR B 128 -23.14 -0.77 -8.89
CA TYR B 128 -23.84 -0.11 -7.80
C TYR B 128 -23.61 -0.85 -6.48
N ASP B 129 -23.93 -0.17 -5.39
CA ASP B 129 -23.88 -0.75 -4.04
C ASP B 129 -25.27 -0.66 -3.42
N SER B 130 -25.64 -1.68 -2.64
CA SER B 130 -26.99 -1.79 -2.10
C SER B 130 -27.08 -1.33 -0.65
N ASP B 131 -26.28 -0.34 -0.27
CA ASP B 131 -26.35 0.19 1.09
C ASP B 131 -26.69 1.68 1.07
N ARG B 132 -26.16 2.41 0.09
CA ARG B 132 -26.49 3.82 -0.03
C ARG B 132 -27.95 4.03 -0.42
N GLY B 133 -28.50 3.13 -1.23
CA GLY B 133 -29.88 3.22 -1.65
C GLY B 133 -30.00 3.15 -3.17
N LEU B 134 -31.17 2.66 -3.61
CA LEU B 134 -31.44 2.53 -5.03
C LEU B 134 -32.06 3.81 -5.57
N SER B 135 -31.40 4.95 -5.32
CA SER B 135 -31.88 6.26 -5.74
C SER B 135 -31.10 6.83 -6.91
N THR B 136 -29.90 6.31 -7.18
CA THR B 136 -29.08 6.73 -8.31
C THR B 136 -29.16 5.72 -9.47
N LEU B 137 -29.22 4.43 -9.16
CA LEU B 137 -29.33 3.42 -10.21
C LEU B 137 -30.66 3.54 -10.95
N GLN B 138 -31.74 3.83 -10.24
CA GLN B 138 -33.05 3.97 -10.88
C GLN B 138 -33.05 5.10 -11.90
N ALA B 139 -32.45 6.24 -11.56
CA ALA B 139 -32.34 7.35 -12.50
C ALA B 139 -31.54 6.94 -13.73
N VAL B 140 -30.48 6.15 -13.53
CA VAL B 140 -29.64 5.71 -14.64
C VAL B 140 -30.43 4.80 -15.57
N LEU B 141 -31.21 3.87 -15.00
CA LEU B 141 -32.07 3.02 -15.81
C LEU B 141 -33.10 3.84 -16.57
N ASP B 142 -33.70 4.84 -15.92
CA ASP B 142 -34.69 5.67 -16.60
C ASP B 142 -34.06 6.43 -17.76
N SER B 143 -32.87 7.00 -17.53
CA SER B 143 -32.19 7.74 -18.60
C SER B 143 -31.77 6.82 -19.73
N ALA B 144 -31.30 5.62 -19.42
CA ALA B 144 -30.92 4.66 -20.45
C ALA B 144 -32.11 4.22 -21.28
N ALA B 145 -33.26 3.99 -20.62
CA ALA B 145 -34.47 3.65 -21.35
C ALA B 145 -34.93 4.80 -22.24
N GLU B 146 -34.80 6.03 -21.75
CA GLU B 146 -35.23 7.19 -22.54
C GLU B 146 -34.32 7.42 -23.74
N LYS B 147 -33.01 7.24 -23.56
CA LYS B 147 -32.03 7.60 -24.57
C LYS B 147 -31.41 6.41 -25.29
N LYS B 148 -31.97 5.22 -25.13
CA LYS B 148 -31.56 3.98 -25.81
C LYS B 148 -30.16 3.51 -25.42
N TRP B 149 -29.70 3.80 -24.22
CA TRP B 149 -28.41 3.29 -23.75
C TRP B 149 -28.58 1.85 -23.22
N GLN B 150 -27.44 1.17 -23.08
CA GLN B 150 -27.41 -0.22 -22.63
C GLN B 150 -26.56 -0.29 -21.36
N VAL B 151 -27.20 -0.62 -20.25
CA VAL B 151 -26.54 -0.69 -18.96
C VAL B 151 -26.31 -2.15 -18.59
N THR B 152 -25.21 -2.40 -17.86
CA THR B 152 -24.87 -3.74 -17.36
C THR B 152 -24.62 -3.58 -15.85
N ALA B 153 -25.68 -3.71 -15.07
CA ALA B 153 -25.60 -3.46 -13.64
C ALA B 153 -24.96 -4.64 -12.91
N ILE B 154 -24.08 -4.31 -11.97
CA ILE B 154 -23.44 -5.30 -11.12
C ILE B 154 -23.54 -4.82 -9.68
N ASN B 155 -23.91 -5.72 -8.77
CA ASN B 155 -24.10 -5.38 -7.36
C ASN B 155 -22.81 -5.69 -6.61
N VAL B 156 -21.98 -4.66 -6.43
CA VAL B 156 -20.84 -4.76 -5.52
C VAL B 156 -21.35 -4.44 -4.13
N GLY B 157 -20.62 -4.88 -3.11
CA GLY B 157 -21.12 -4.83 -1.75
C GLY B 157 -21.93 -6.06 -1.41
N ASN B 158 -22.21 -6.21 -0.11
CA ASN B 158 -22.79 -7.44 0.44
C ASN B 158 -21.94 -8.64 0.04
N ILE B 159 -20.62 -8.49 0.21
CA ILE B 159 -19.65 -9.50 -0.20
C ILE B 159 -18.84 -9.91 1.03
N ASN B 160 -18.69 -11.22 1.21
CA ASN B 160 -17.89 -11.72 2.32
C ASN B 160 -16.44 -11.27 2.18
N ASN B 161 -15.84 -10.88 3.30
CA ASN B 161 -14.46 -10.38 3.26
C ASN B 161 -13.48 -11.48 2.89
N ASP B 162 -13.79 -12.73 3.22
CA ASP B 162 -12.90 -13.84 2.90
C ASP B 162 -12.74 -14.00 1.39
N LYS B 163 -13.85 -13.87 0.65
CA LYS B 163 -13.83 -13.99 -0.81
C LYS B 163 -14.04 -12.66 -1.50
N LYS B 164 -13.81 -11.54 -0.82
CA LYS B 164 -13.99 -10.23 -1.43
C LYS B 164 -13.03 -10.03 -2.59
N ASP B 165 -11.76 -10.40 -2.39
CA ASP B 165 -10.77 -10.28 -3.46
C ASP B 165 -11.16 -11.12 -4.66
N GLU B 166 -11.55 -12.37 -4.41
CA GLU B 166 -11.90 -13.28 -5.50
C GLU B 166 -13.14 -12.78 -6.25
N THR B 167 -14.16 -12.33 -5.52
CA THR B 167 -15.38 -11.84 -6.16
C THR B 167 -15.11 -10.59 -6.99
N TYR B 168 -14.39 -9.63 -6.41
CA TYR B 168 -14.07 -8.41 -7.14
C TYR B 168 -13.24 -8.69 -8.38
N ARG B 169 -12.27 -9.60 -8.27
CA ARG B 169 -11.47 -10.00 -9.42
C ARG B 169 -12.33 -10.68 -10.48
N SER B 170 -13.26 -11.54 -10.05
CA SER B 170 -14.10 -12.27 -10.98
C SER B 170 -15.05 -11.34 -11.73
N LEU B 171 -15.48 -10.25 -11.09
CA LEU B 171 -16.30 -9.27 -11.79
C LEU B 171 -15.58 -8.71 -13.01
N PHE B 172 -14.33 -8.27 -12.83
CA PHE B 172 -13.58 -7.71 -13.94
C PHE B 172 -13.24 -8.80 -14.96
N GLN B 173 -12.96 -10.01 -14.49
CA GLN B 173 -12.70 -11.11 -15.41
C GLN B 173 -13.91 -11.39 -16.29
N ASP B 174 -15.11 -11.34 -15.72
CA ASP B 174 -16.33 -11.57 -16.49
C ASP B 174 -16.59 -10.41 -17.45
N LEU B 175 -16.36 -9.18 -17.01
CA LEU B 175 -16.55 -8.03 -17.90
C LEU B 175 -15.55 -8.06 -19.06
N GLU B 176 -14.39 -8.68 -18.84
CA GLU B 176 -13.44 -8.86 -19.94
C GLU B 176 -14.03 -9.72 -21.05
N LEU B 177 -14.84 -10.71 -20.67
CA LEU B 177 -15.45 -11.60 -21.66
C LEU B 177 -16.46 -10.85 -22.52
N LYS B 178 -17.23 -9.94 -21.93
CA LYS B 178 -18.25 -9.19 -22.65
C LYS B 178 -17.69 -8.00 -23.42
N LYS B 179 -16.38 -7.75 -23.33
CA LYS B 179 -15.72 -6.65 -24.03
C LYS B 179 -16.31 -5.30 -23.60
N GLU B 180 -16.27 -5.07 -22.30
CA GLU B 180 -16.70 -3.81 -21.70
C GLU B 180 -15.49 -3.08 -21.13
N ARG B 181 -15.31 -1.82 -21.54
CA ARG B 181 -14.15 -1.04 -21.16
C ARG B 181 -14.49 0.23 -20.40
N ARG B 182 -15.77 0.53 -20.22
CA ARG B 182 -16.22 1.73 -19.52
C ARG B 182 -17.05 1.30 -18.32
N VAL B 183 -16.63 1.69 -17.12
CA VAL B 183 -17.36 1.38 -15.90
C VAL B 183 -17.55 2.66 -15.09
N ILE B 184 -18.57 2.66 -14.23
CA ILE B 184 -18.88 3.81 -13.39
C ILE B 184 -18.91 3.38 -11.94
N LEU B 185 -17.81 3.59 -11.22
CA LEU B 185 -17.72 3.20 -9.81
C LEU B 185 -18.35 4.27 -8.93
N ASP B 186 -19.24 3.84 -8.03
CA ASP B 186 -19.88 4.74 -7.07
C ASP B 186 -20.11 4.02 -5.74
N CYS B 187 -19.08 4.05 -4.89
CA CYS B 187 -19.15 3.44 -3.57
C CYS B 187 -18.33 4.29 -2.61
N GLU B 188 -18.58 4.10 -1.31
CA GLU B 188 -17.83 4.82 -0.30
C GLU B 188 -16.33 4.58 -0.46
N ARG B 189 -15.54 5.44 0.20
CA ARG B 189 -14.09 5.42 0.03
C ARG B 189 -13.50 4.04 0.31
N ASP B 190 -13.97 3.39 1.37
CA ASP B 190 -13.45 2.08 1.75
C ASP B 190 -13.66 1.06 0.63
N LYS B 191 -14.85 1.06 0.02
CA LYS B 191 -15.11 0.11 -1.05
C LYS B 191 -14.32 0.45 -2.30
N VAL B 192 -14.33 1.72 -2.72
CA VAL B 192 -13.72 2.08 -3.99
C VAL B 192 -12.21 1.89 -3.94
N ASN B 193 -11.60 2.08 -2.77
CA ASN B 193 -10.18 1.81 -2.63
C ASN B 193 -9.87 0.34 -2.92
N ASP B 194 -10.66 -0.56 -2.35
CA ASP B 194 -10.48 -1.99 -2.59
C ASP B 194 -10.72 -2.32 -4.06
N ILE B 195 -11.75 -1.71 -4.66
CA ILE B 195 -12.06 -1.99 -6.06
C ILE B 195 -10.91 -1.55 -6.97
N VAL B 196 -10.38 -0.35 -6.77
CA VAL B 196 -9.29 0.10 -7.63
C VAL B 196 -8.02 -0.71 -7.36
N ASP B 197 -7.82 -1.13 -6.11
CA ASP B 197 -6.67 -1.98 -5.80
C ASP B 197 -6.76 -3.29 -6.59
N GLN B 198 -7.94 -3.91 -6.61
CA GLN B 198 -8.10 -5.15 -7.37
C GLN B 198 -8.00 -4.90 -8.87
N VAL B 199 -8.50 -3.75 -9.34
CA VAL B 199 -8.27 -3.35 -10.74
C VAL B 199 -6.79 -3.42 -11.06
N ILE B 200 -5.97 -2.69 -10.30
CA ILE B 200 -4.54 -2.64 -10.54
C ILE B 200 -3.94 -4.04 -10.44
N THR B 201 -4.45 -4.85 -9.51
CA THR B 201 -3.95 -6.22 -9.38
C THR B 201 -4.15 -7.01 -10.67
N ILE B 202 -5.34 -6.95 -11.24
CA ILE B 202 -5.59 -7.55 -12.56
C ILE B 202 -4.88 -6.80 -13.68
N GLY B 203 -4.67 -5.50 -13.52
CA GLY B 203 -4.19 -4.66 -14.61
C GLY B 203 -5.20 -3.55 -14.91
N LYS B 204 -5.60 -3.45 -16.17
CA LYS B 204 -6.69 -2.58 -16.61
C LYS B 204 -6.41 -1.10 -16.33
N HIS B 205 -5.21 -0.76 -15.86
CA HIS B 205 -4.82 0.64 -15.70
C HIS B 205 -3.98 1.12 -16.87
N VAL B 206 -3.85 0.31 -17.92
CA VAL B 206 -3.21 0.70 -19.17
C VAL B 206 -4.22 1.49 -19.99
N LYS B 207 -3.75 2.10 -21.08
CA LYS B 207 -4.63 2.88 -21.94
C LYS B 207 -5.72 1.99 -22.54
N GLY B 208 -6.88 2.60 -22.77
CA GLY B 208 -8.04 1.88 -23.27
C GLY B 208 -9.13 1.63 -22.26
N TYR B 209 -9.03 2.21 -21.06
CA TYR B 209 -10.04 2.06 -20.03
C TYR B 209 -10.29 3.41 -19.38
N HIS B 210 -11.56 3.75 -19.16
CA HIS B 210 -11.95 5.02 -18.55
C HIS B 210 -12.76 4.72 -17.30
N TYR B 211 -12.34 5.31 -16.17
CA TYR B 211 -12.92 5.00 -14.86
C TYR B 211 -13.43 6.30 -14.24
N ILE B 212 -14.75 6.42 -14.12
CA ILE B 212 -15.35 7.56 -13.42
C ILE B 212 -15.57 7.22 -11.96
N ILE B 213 -15.06 8.08 -11.07
CA ILE B 213 -15.46 8.03 -9.67
C ILE B 213 -16.64 8.98 -9.46
N ALA B 214 -17.69 8.47 -8.80
CA ALA B 214 -18.98 9.13 -8.73
C ALA B 214 -19.37 9.28 -7.26
N ASN B 215 -18.42 9.74 -6.45
CA ASN B 215 -18.60 9.80 -5.00
C ASN B 215 -18.17 11.15 -4.47
N LEU B 216 -18.34 12.19 -5.29
CA LEU B 216 -17.74 13.50 -5.03
C LEU B 216 -16.26 13.31 -4.72
N GLY B 217 -15.77 14.00 -3.69
CA GLY B 217 -14.43 13.77 -3.19
C GLY B 217 -13.35 13.79 -4.26
N PHE B 218 -12.84 12.61 -4.61
CA PHE B 218 -11.97 12.34 -5.75
C PHE B 218 -10.55 12.83 -5.50
N THR B 219 -10.28 13.42 -4.33
CA THR B 219 -8.94 13.85 -3.95
C THR B 219 -8.59 13.24 -2.60
N ASP B 220 -9.33 12.18 -2.21
CA ASP B 220 -9.06 11.53 -0.94
C ASP B 220 -9.08 10.00 -1.04
N GLY B 221 -9.00 9.44 -2.25
CA GLY B 221 -9.06 8.00 -2.41
C GLY B 221 -7.71 7.38 -2.74
N ASP B 222 -6.64 8.14 -2.54
CA ASP B 222 -5.27 7.68 -2.80
C ASP B 222 -5.10 7.25 -4.27
N LEU B 223 -5.28 8.23 -5.15
CA LEU B 223 -5.15 8.00 -6.59
C LEU B 223 -3.70 7.74 -7.01
N LEU B 224 -2.73 7.94 -6.12
CA LEU B 224 -1.32 7.75 -6.48
C LEU B 224 -1.07 6.38 -7.08
N LYS B 225 -1.79 5.36 -6.59
CA LYS B 225 -1.63 4.02 -7.13
C LYS B 225 -2.10 3.93 -8.57
N ILE B 226 -3.25 4.54 -8.89
CA ILE B 226 -3.81 4.46 -10.24
C ILE B 226 -3.20 5.50 -11.17
N GLN B 227 -2.50 6.49 -10.63
CA GLN B 227 -1.83 7.51 -11.43
C GLN B 227 -0.59 6.90 -12.06
N PHE B 228 0.04 7.64 -12.99
CA PHE B 228 1.23 7.17 -13.70
C PHE B 228 0.95 5.89 -14.48
N GLY B 229 -0.19 5.86 -15.15
CA GLY B 229 -0.57 4.74 -15.99
C GLY B 229 -1.08 5.21 -17.34
N GLY B 230 -1.88 4.38 -18.00
CA GLY B 230 -2.44 4.73 -19.28
C GLY B 230 -3.94 4.96 -19.25
N ALA B 231 -4.61 4.36 -18.26
CA ALA B 231 -6.06 4.48 -18.16
C ALA B 231 -6.47 5.89 -17.76
N ASN B 232 -7.63 6.31 -18.27
CA ASN B 232 -8.20 7.60 -17.93
C ASN B 232 -8.86 7.53 -16.55
N VAL B 233 -8.86 8.66 -15.85
CA VAL B 233 -9.59 8.77 -14.59
C VAL B 233 -10.32 10.11 -14.59
N SER B 234 -11.59 10.09 -14.19
CA SER B 234 -12.39 11.31 -14.11
C SER B 234 -13.26 11.29 -12.86
N GLY B 235 -13.55 12.47 -12.31
CA GLY B 235 -14.29 12.53 -11.06
C GLY B 235 -14.89 13.91 -10.80
N PHE B 236 -15.72 13.94 -9.77
CA PHE B 236 -16.40 15.14 -9.33
C PHE B 236 -15.78 15.62 -8.02
N GLN B 237 -15.88 16.92 -7.75
CA GLN B 237 -15.25 17.45 -6.54
C GLN B 237 -16.14 18.57 -6.02
N ILE B 238 -16.25 18.70 -4.71
CA ILE B 238 -17.03 19.76 -4.10
C ILE B 238 -16.17 20.79 -3.36
N VAL B 239 -15.03 20.39 -2.80
CA VAL B 239 -14.19 21.32 -2.04
C VAL B 239 -12.94 21.66 -2.85
N ASP B 240 -12.99 22.79 -3.54
CA ASP B 240 -11.83 23.26 -4.30
C ASP B 240 -10.74 23.69 -3.32
N TYR B 241 -9.49 23.30 -3.62
CA TYR B 241 -8.38 23.44 -2.68
C TYR B 241 -7.46 24.62 -3.02
N ASP B 242 -7.98 25.68 -3.66
CA ASP B 242 -7.15 26.84 -3.98
C ASP B 242 -7.78 28.17 -3.60
N ASP B 243 -9.03 28.21 -3.15
CA ASP B 243 -9.67 29.46 -2.77
C ASP B 243 -9.04 30.03 -1.50
N SER B 244 -9.34 31.30 -1.23
CA SER B 244 -8.80 31.97 -0.04
C SER B 244 -9.33 31.32 1.24
N LEU B 245 -10.62 31.00 1.28
CA LEU B 245 -11.20 30.43 2.48
C LEU B 245 -10.63 29.04 2.78
N VAL B 246 -10.52 28.19 1.76
CA VAL B 246 -10.02 26.83 1.97
C VAL B 246 -8.53 26.87 2.31
N SER B 247 -7.78 27.80 1.71
CA SER B 247 -6.38 27.93 2.03
C SER B 247 -6.19 28.40 3.48
N LYS B 248 -7.02 29.35 3.92
CA LYS B 248 -6.98 29.78 5.32
C LYS B 248 -7.34 28.62 6.25
N PHE B 249 -8.30 27.80 5.85
CA PHE B 249 -8.68 26.64 6.66
C PHE B 249 -7.53 25.65 6.77
N ILE B 250 -6.90 25.30 5.65
CA ILE B 250 -5.85 24.30 5.66
C ILE B 250 -4.58 24.84 6.32
N GLU B 251 -4.40 26.16 6.36
CA GLU B 251 -3.25 26.72 7.06
C GLU B 251 -3.28 26.36 8.54
N ARG B 252 -4.45 26.43 9.17
CA ARG B 252 -4.60 26.05 10.57
C ARG B 252 -5.03 24.60 10.75
N TRP B 253 -5.32 23.88 9.66
CA TRP B 253 -5.74 22.49 9.78
C TRP B 253 -4.58 21.60 10.21
N SER B 254 -3.39 21.82 9.65
CA SER B 254 -2.26 20.94 9.95
C SER B 254 -1.66 21.24 11.33
N THR B 255 -1.85 22.45 11.82
CA THR B 255 -1.22 22.88 13.07
C THR B 255 -1.68 22.06 14.27
N LEU B 256 -2.98 21.79 14.34
CA LEU B 256 -3.52 21.04 15.48
C LEU B 256 -3.06 19.58 15.42
N GLU B 257 -2.82 19.01 16.60
CA GLU B 257 -2.24 17.69 16.74
C GLU B 257 -3.32 16.66 17.01
N GLU B 258 -2.99 15.38 16.76
CA GLU B 258 -3.97 14.31 16.91
C GLU B 258 -4.17 13.90 18.36
N LYS B 259 -3.29 14.32 19.26
CA LYS B 259 -3.44 13.95 20.67
C LYS B 259 -4.75 14.50 21.25
N GLU B 260 -5.06 15.75 20.93
CA GLU B 260 -6.32 16.36 21.34
C GLU B 260 -7.37 16.37 20.24
N TYR B 261 -7.00 16.68 19.00
CA TYR B 261 -7.93 16.75 17.88
C TYR B 261 -7.53 15.68 16.88
N PRO B 262 -8.22 14.53 16.88
CA PRO B 262 -7.81 13.41 16.02
C PRO B 262 -7.73 13.82 14.55
N GLY B 263 -6.69 13.35 13.88
CA GLY B 263 -6.42 13.77 12.52
C GLY B 263 -5.68 15.09 12.49
N ALA B 264 -6.11 15.94 11.56
CA ALA B 264 -5.63 17.32 11.44
C ALA B 264 -4.12 17.39 11.18
N HIS B 265 -3.57 16.42 10.47
CA HIS B 265 -2.18 16.47 10.04
C HIS B 265 -1.99 16.19 8.56
N THR B 266 -3.05 15.90 7.82
CA THR B 266 -2.97 15.66 6.40
C THR B 266 -3.52 16.86 5.63
N THR B 267 -3.10 16.95 4.36
CA THR B 267 -3.44 18.10 3.52
C THR B 267 -4.88 18.10 3.05
N THR B 268 -5.51 16.93 2.92
CA THR B 268 -6.86 16.83 2.39
C THR B 268 -7.83 16.42 3.49
N ILE B 269 -9.08 16.84 3.33
CA ILE B 269 -10.15 16.54 4.28
C ILE B 269 -11.35 16.02 3.50
N LYS B 270 -12.05 15.04 4.09
CA LYS B 270 -13.22 14.46 3.46
C LYS B 270 -14.35 15.48 3.35
N TYR B 271 -15.23 15.27 2.38
CA TYR B 271 -16.30 16.22 2.13
C TYR B 271 -17.32 16.23 3.26
N THR B 272 -17.53 15.08 3.92
CA THR B 272 -18.49 15.03 5.02
C THR B 272 -18.07 15.93 6.17
N SER B 273 -16.77 15.96 6.50
CA SER B 273 -16.29 16.82 7.57
C SER B 273 -16.44 18.29 7.19
N ALA B 274 -16.21 18.63 5.92
CA ALA B 274 -16.43 19.99 5.46
C ALA B 274 -17.89 20.38 5.59
N LEU B 275 -18.80 19.45 5.24
CA LEU B 275 -20.22 19.71 5.41
C LEU B 275 -20.59 19.93 6.87
N THR B 276 -19.99 19.13 7.78
CA THR B 276 -20.23 19.33 9.20
C THR B 276 -19.73 20.69 9.67
N TYR B 277 -18.54 21.08 9.23
CA TYR B 277 -17.97 22.36 9.65
C TYR B 277 -18.80 23.52 9.13
N ASP B 278 -19.32 23.39 7.91
CA ASP B 278 -20.20 24.42 7.37
C ASP B 278 -21.56 24.42 8.07
N ALA B 279 -22.01 23.24 8.52
CA ALA B 279 -23.25 23.15 9.29
C ALA B 279 -23.13 23.92 10.59
N VAL B 280 -21.97 23.82 11.24
CA VAL B 280 -21.74 24.60 12.45
C VAL B 280 -21.99 26.08 12.21
N GLN B 281 -21.41 26.61 11.12
CA GLN B 281 -21.50 28.04 10.86
C GLN B 281 -22.91 28.44 10.47
N VAL B 282 -23.56 27.67 9.60
CA VAL B 282 -24.89 28.01 9.15
C VAL B 282 -25.91 27.94 10.28
N MET B 283 -25.68 27.06 11.26
CA MET B 283 -26.52 26.97 12.45
C MET B 283 -26.29 28.13 13.41
N THR B 284 -25.03 28.46 13.69
CA THR B 284 -24.73 29.58 14.57
C THR B 284 -25.27 30.89 13.99
N GLU B 285 -25.10 31.09 12.69
CA GLU B 285 -25.64 32.31 12.06
C GLU B 285 -27.16 32.29 12.02
N ALA B 286 -27.77 31.11 11.91
CA ALA B 286 -29.22 30.99 11.93
C ALA B 286 -29.78 31.47 13.27
N PHE B 287 -29.14 31.06 14.38
CA PHE B 287 -29.57 31.59 15.67
C PHE B 287 -29.18 33.05 15.85
N ARG B 288 -28.08 33.48 15.22
CA ARG B 288 -27.70 34.89 15.26
C ARG B 288 -28.79 35.77 14.65
N ASN B 289 -29.36 35.33 13.52
CA ASN B 289 -30.41 36.10 12.87
C ASN B 289 -31.64 36.23 13.75
N LEU B 290 -32.02 35.14 14.43
CA LEU B 290 -33.16 35.20 15.35
C LEU B 290 -32.90 36.12 16.52
N ARG B 291 -31.70 36.06 17.11
CA ARG B 291 -31.48 37.01 18.21
C ARG B 291 -31.38 38.45 17.71
N LYS B 292 -31.00 38.67 16.45
CA LYS B 292 -31.07 39.99 15.85
C LYS B 292 -32.52 40.43 15.65
N GLN B 293 -33.41 39.49 15.35
CA GLN B 293 -34.83 39.79 15.19
C GLN B 293 -35.56 39.91 16.52
N ARG B 294 -34.89 39.68 17.65
CA ARG B 294 -35.47 39.82 18.99
C ARG B 294 -36.68 38.89 19.17
N ILE B 295 -36.49 37.64 18.76
CA ILE B 295 -37.53 36.63 18.94
C ILE B 295 -37.08 35.61 19.98
N ALA B 303 -41.22 19.74 27.68
CA ALA B 303 -41.58 19.14 26.40
C ALA B 303 -42.15 17.74 26.59
N GLY B 304 -41.99 17.19 27.79
CA GLY B 304 -42.50 15.87 28.09
C GLY B 304 -41.70 14.76 27.42
N ASP B 305 -42.37 13.66 27.10
CA ASP B 305 -41.72 12.52 26.47
C ASP B 305 -42.13 12.43 25.01
N CYS B 306 -41.31 11.71 24.23
CA CYS B 306 -41.55 11.56 22.81
C CYS B 306 -42.75 10.66 22.50
N LEU B 307 -43.24 9.91 23.48
CA LEU B 307 -44.38 9.03 23.29
C LEU B 307 -45.68 9.59 23.86
N ALA B 308 -45.74 10.90 24.05
CA ALA B 308 -46.94 11.55 24.58
C ALA B 308 -48.08 11.47 23.58
N VAL B 312 -47.75 16.82 21.13
CA VAL B 312 -47.99 18.25 21.04
C VAL B 312 -46.75 18.97 20.51
N PRO B 313 -46.94 19.87 19.54
CA PRO B 313 -45.81 20.67 19.05
C PRO B 313 -45.27 21.60 20.13
N TRP B 314 -43.99 21.89 20.05
CA TRP B 314 -43.36 22.75 21.04
C TRP B 314 -43.50 24.22 20.62
N GLY B 315 -42.77 25.09 21.30
CA GLY B 315 -43.09 26.51 21.28
C GLY B 315 -43.00 27.14 19.90
N GLN B 316 -41.86 26.97 19.23
CA GLN B 316 -41.54 27.74 18.03
C GLN B 316 -41.11 26.81 16.89
N GLY B 317 -42.08 26.29 16.14
CA GLY B 317 -41.77 25.49 14.98
C GLY B 317 -41.31 26.32 13.79
N VAL B 318 -42.18 27.20 13.31
CA VAL B 318 -41.86 28.02 12.15
C VAL B 318 -40.71 28.98 12.46
N GLU B 319 -40.71 29.56 13.66
CA GLU B 319 -39.73 30.58 14.00
C GLU B 319 -38.30 30.05 13.89
N ILE B 320 -38.12 28.76 14.14
CA ILE B 320 -36.80 28.14 13.98
C ILE B 320 -36.62 27.59 12.57
N GLU B 321 -37.62 26.87 12.05
CA GLU B 321 -37.47 26.18 10.76
C GLU B 321 -37.26 27.17 9.61
N ARG B 322 -38.14 28.16 9.50
CA ARG B 322 -38.05 29.10 8.39
C ARG B 322 -36.78 29.94 8.49
N ALA B 323 -36.41 30.34 9.71
CA ALA B 323 -35.20 31.12 9.90
C ALA B 323 -33.96 30.33 9.50
N LEU B 324 -33.90 29.05 9.87
CA LEU B 324 -32.77 28.23 9.49
C LEU B 324 -32.78 27.89 8.00
N LYS B 325 -33.95 27.86 7.37
CA LYS B 325 -34.06 27.53 5.96
C LYS B 325 -33.92 28.74 5.04
N GLN B 326 -33.88 29.96 5.59
CA GLN B 326 -33.75 31.16 4.79
C GLN B 326 -32.33 31.75 4.86
N VAL B 327 -31.36 30.92 5.25
CA VAL B 327 -30.00 31.41 5.43
C VAL B 327 -29.31 31.58 4.07
N GLN B 328 -28.43 32.59 4.00
CA GLN B 328 -27.61 32.84 2.81
C GLN B 328 -26.19 33.10 3.29
N VAL B 329 -25.28 32.16 3.03
CA VAL B 329 -23.91 32.26 3.51
C VAL B 329 -22.97 31.67 2.48
N GLU B 330 -21.66 31.82 2.71
CA GLU B 330 -20.63 31.27 1.86
C GLU B 330 -19.65 30.47 2.71
N GLY B 331 -19.40 29.22 2.32
CA GLY B 331 -18.45 28.38 3.03
C GLY B 331 -17.55 27.60 2.10
N LEU B 332 -16.87 26.57 2.63
CA LEU B 332 -15.92 25.80 1.84
C LEU B 332 -16.61 25.13 0.64
N SER B 333 -17.82 24.60 0.85
CA SER B 333 -18.56 23.98 -0.25
C SER B 333 -19.00 25.01 -1.29
N GLY B 334 -19.02 26.30 -0.94
CA GLY B 334 -19.46 27.34 -1.85
C GLY B 334 -20.64 28.11 -1.28
N ASN B 335 -21.54 28.51 -2.18
CA ASN B 335 -22.75 29.19 -1.75
C ASN B 335 -23.67 28.23 -1.00
N ILE B 336 -24.21 28.68 0.12
CA ILE B 336 -25.12 27.90 0.94
C ILE B 336 -26.39 28.72 1.09
N LYS B 337 -27.45 28.31 0.40
CA LYS B 337 -28.76 28.92 0.49
C LYS B 337 -29.80 27.83 0.23
N PHE B 338 -30.74 27.67 1.14
CA PHE B 338 -31.70 26.58 1.08
C PHE B 338 -33.01 27.04 0.46
N ASP B 339 -33.68 26.11 -0.22
CA ASP B 339 -34.99 26.35 -0.80
C ASP B 339 -36.07 25.98 0.22
N GLN B 340 -37.32 25.90 -0.25
CA GLN B 340 -38.44 25.62 0.65
C GLN B 340 -38.29 24.24 1.31
N ASN B 341 -37.89 23.24 0.52
CA ASN B 341 -37.78 21.89 1.06
C ASN B 341 -36.60 21.77 2.01
N GLY B 342 -35.47 22.41 1.68
CA GLY B 342 -34.29 22.35 2.53
C GLY B 342 -33.04 21.90 1.81
N LYS B 343 -33.17 21.57 0.53
CA LYS B 343 -32.03 21.14 -0.27
C LYS B 343 -31.30 22.32 -0.85
N ARG B 344 -30.02 22.11 -1.19
CA ARG B 344 -29.21 23.15 -1.81
C ARG B 344 -29.73 23.47 -3.20
N ILE B 345 -29.67 24.76 -3.56
CA ILE B 345 -30.25 25.22 -4.82
C ILE B 345 -29.23 25.99 -5.64
N ASN B 346 -28.18 26.49 -4.98
CA ASN B 346 -27.20 27.33 -5.66
C ASN B 346 -25.79 26.74 -5.53
N TYR B 347 -25.66 25.44 -5.77
CA TYR B 347 -24.38 24.75 -5.62
C TYR B 347 -23.72 24.53 -6.97
N THR B 348 -22.39 24.58 -6.97
CA THR B 348 -21.57 24.29 -8.15
C THR B 348 -20.60 23.18 -7.80
N ILE B 349 -20.43 22.23 -8.71
CA ILE B 349 -19.56 21.07 -8.49
C ILE B 349 -18.44 21.07 -9.52
N ASN B 350 -17.20 21.04 -9.06
CA ASN B 350 -16.05 21.10 -9.94
C ASN B 350 -15.83 19.76 -10.64
N ILE B 351 -15.37 19.83 -11.89
CA ILE B 351 -15.06 18.66 -12.68
C ILE B 351 -13.55 18.48 -12.70
N MET B 352 -13.10 17.25 -12.45
CA MET B 352 -11.66 17.04 -12.45
C MET B 352 -11.33 15.73 -13.16
N GLU B 353 -10.12 15.66 -13.67
CA GLU B 353 -9.62 14.46 -14.34
C GLU B 353 -8.17 14.25 -13.94
N LEU B 354 -7.76 12.98 -13.89
CA LEU B 354 -6.42 12.62 -13.45
C LEU B 354 -5.51 12.40 -14.65
N LYS B 355 -4.30 12.93 -14.57
CA LYS B 355 -3.29 12.81 -15.61
C LYS B 355 -2.02 12.27 -14.99
N THR B 356 -0.91 12.37 -15.74
CA THR B 356 0.41 12.07 -15.17
C THR B 356 0.69 13.04 -14.04
N ASN B 357 0.15 14.25 -14.16
CA ASN B 357 0.15 15.24 -13.09
C ASN B 357 -1.12 15.08 -12.27
N GLY B 358 -1.16 15.73 -11.11
CA GLY B 358 -2.31 15.64 -10.22
C GLY B 358 -3.59 16.13 -10.86
N PRO B 359 -4.70 16.06 -10.10
CA PRO B 359 -6.01 16.43 -10.68
C PRO B 359 -6.04 17.84 -11.24
N ARG B 360 -6.64 17.98 -12.41
CA ARG B 360 -6.72 19.26 -13.12
C ARG B 360 -8.17 19.59 -13.40
N LYS B 361 -8.52 20.87 -13.24
CA LYS B 361 -9.89 21.30 -13.46
C LYS B 361 -10.25 21.22 -14.94
N ILE B 362 -11.43 20.68 -15.21
CA ILE B 362 -11.95 20.60 -16.57
C ILE B 362 -13.18 21.48 -16.79
N GLY B 363 -13.99 21.71 -15.76
CA GLY B 363 -15.17 22.54 -15.91
C GLY B 363 -15.92 22.61 -14.59
N TYR B 364 -17.20 22.95 -14.68
CA TYR B 364 -18.05 23.01 -13.50
C TYR B 364 -19.49 22.69 -13.88
N TRP B 365 -20.20 22.06 -12.97
CA TRP B 365 -21.61 21.71 -13.14
C TRP B 365 -22.45 22.58 -12.22
N SER B 366 -23.50 23.16 -12.79
CA SER B 366 -24.36 24.10 -12.08
C SER B 366 -25.79 23.94 -12.58
N GLU B 367 -26.72 24.51 -11.83
CA GLU B 367 -28.14 24.42 -12.19
C GLU B 367 -28.49 25.38 -13.32
N VAL B 368 -27.82 26.53 -13.36
CA VAL B 368 -28.19 27.57 -14.33
C VAL B 368 -27.81 27.15 -15.74
N ASP B 369 -26.65 26.51 -15.90
CA ASP B 369 -26.20 26.01 -17.19
C ASP B 369 -25.87 24.53 -17.03
N LYS B 370 -26.30 23.72 -18.01
CA LYS B 370 -26.19 22.27 -17.88
C LYS B 370 -24.75 21.82 -17.63
N MET B 371 -23.87 22.04 -18.60
CA MET B 371 -22.50 21.59 -18.47
C MET B 371 -21.59 22.64 -19.09
N VAL B 372 -20.51 22.96 -18.38
CA VAL B 372 -19.55 23.97 -18.80
C VAL B 372 -18.17 23.34 -18.92
N VAL B 373 -17.52 23.62 -20.04
CA VAL B 373 -16.16 23.16 -20.30
C VAL B 373 -15.23 24.37 -20.34
N THR B 374 -14.13 24.27 -19.60
CA THR B 374 -13.15 25.35 -19.52
C THR B 374 -11.73 24.82 -19.62
C1 NAG C . -9.14 8.89 -22.66
C2 NAG C . -10.14 8.18 -23.59
C3 NAG C . -9.91 8.59 -25.04
C4 NAG C . -9.93 10.10 -25.17
C5 NAG C . -8.88 10.69 -24.23
C6 NAG C . -8.84 12.20 -24.23
C7 NAG C . -11.12 5.99 -23.07
C8 NAG C . -10.83 4.51 -22.99
N2 NAG C . -10.08 6.75 -23.46
O3 NAG C . -10.90 7.97 -25.83
O4 NAG C . -9.66 10.42 -26.52
O5 NAG C . -9.17 10.27 -22.90
O6 NAG C . -10.07 12.72 -23.81
O7 NAG C . -12.21 6.44 -22.79
#